data_6DVV
#
_entry.id   6DVV
#
_cell.length_a   86.027
_cell.length_b   86.027
_cell.length_c   230.777
_cell.angle_alpha   90.00
_cell.angle_beta   90.00
_cell.angle_gamma   120.00
#
_symmetry.space_group_name_H-M   'P 32 2 1'
#
loop_
_entity.id
_entity.type
_entity.pdbx_description
1 polymer 6-phospho-alpha-glucosidase
2 non-polymer NICOTINAMIDE-ADENINE-DINUCLEOTIDE
3 non-polymer 'MANGANESE (II) ION'
4 non-polymer 'SULFATE ION'
5 non-polymer 'CHLORIDE ION'
6 non-polymer DI(HYDROXYETHYL)ETHER
7 non-polymer GLYCEROL
8 water water
#
_entity_poly.entity_id   1
_entity_poly.type   'polypeptide(L)'
_entity_poly.pdbx_seq_one_letter_code
;SNA(MSE)KKFSVVIAGGGSTFTPGIVL(MSE)LLANQDRFPLRSLKFYDNDGARQETIAEACKVILKEQAPEIEFSYTT
DPQAAFTDVDFV(MSE)AHIRVGKYP(MSE)REQDEKIPLRHGVLGQETCGPGGIAYG(MSE)RSIGGVLELVDY(MSE)
EKYSPNAW(MSE)LNYSNPAAIVAEATRRLRPNAKILNICD(MSE)PIGIEGR(MSE)AQIVGLKDRKQ(MSE)RVRYYG
LNHFGWWTSIEDLDGNDL(MSE)PKLREYVAKYGYVPPSNDPHTEASWNDTFAKAKDVQALDPQT(MSE)PNTYLKYYLF
PDYVVAHSNPERTRANEV(MSE)DHREKNVFSACRAIIAAGKSTAGDLEIDEHASYIVDLATAIAFNTQER(MSE)LLIV
PNNGAIHNFDADA(MSE)VEIPCLVGHNGPEPLTVGDIPHFQKGL(MSE)SQQVAVEKLVVDAWEQRSYHKLWQAITLSK
TVPSASVAKAILDDLIAANKDYWPELH
;
_entity_poly.pdbx_strand_id   A,B
#
loop_
_chem_comp.id
_chem_comp.type
_chem_comp.name
_chem_comp.formula
CL non-polymer 'CHLORIDE ION' 'Cl -1'
GOL non-polymer GLYCEROL 'C3 H8 O3'
MN non-polymer 'MANGANESE (II) ION' 'Mn 2'
NAD non-polymer NICOTINAMIDE-ADENINE-DINUCLEOTIDE 'C21 H27 N7 O14 P2'
PEG non-polymer DI(HYDROXYETHYL)ETHER 'C4 H10 O3'
SO4 non-polymer 'SULFATE ION' 'O4 S -2'
#
# COMPACT_ATOMS: atom_id res chain seq x y z
N MSE A 4 -5.96 -28.90 3.88
CA MSE A 4 -5.23 -27.86 4.68
C MSE A 4 -3.95 -28.43 5.27
O MSE A 4 -3.92 -29.54 5.79
CB MSE A 4 -6.11 -27.27 5.80
CG MSE A 4 -5.54 -25.96 6.34
SE MSE A 4 -6.84 -24.92 7.42
CE MSE A 4 -7.19 -23.44 6.15
N LYS A 5 -2.87 -27.63 5.21
CA LYS A 5 -1.57 -28.01 5.72
C LYS A 5 -1.53 -27.80 7.23
N LYS A 6 -0.57 -28.45 7.91
CA LYS A 6 -0.37 -28.31 9.36
C LYS A 6 0.97 -27.62 9.60
N PHE A 7 1.08 -26.87 10.71
CA PHE A 7 2.29 -26.07 10.92
C PHE A 7 3.04 -26.48 12.19
N SER A 8 4.36 -26.26 12.15
CA SER A 8 5.29 -26.48 13.26
C SER A 8 5.67 -25.12 13.82
N VAL A 9 5.41 -24.93 15.11
CA VAL A 9 5.68 -23.66 15.76
C VAL A 9 6.62 -23.87 16.95
N VAL A 10 7.53 -22.92 17.18
CA VAL A 10 8.35 -22.96 18.39
C VAL A 10 8.14 -21.64 19.13
N ILE A 11 7.82 -21.72 20.41
CA ILE A 11 7.63 -20.52 21.19
C ILE A 11 8.94 -20.24 21.92
N ALA A 12 9.58 -19.12 21.56
CA ALA A 12 10.77 -18.68 22.23
C ALA A 12 10.31 -17.83 23.39
N GLY A 13 10.59 -18.33 24.60
CA GLY A 13 10.15 -17.72 25.85
C GLY A 13 9.08 -18.60 26.48
N GLY A 14 9.31 -19.92 26.44
CA GLY A 14 8.36 -20.87 26.99
C GLY A 14 8.01 -20.56 28.44
N GLY A 15 9.00 -20.08 29.20
CA GLY A 15 8.84 -19.77 30.63
C GLY A 15 7.98 -18.55 30.90
N SER A 16 7.47 -17.93 29.83
CA SER A 16 6.61 -16.75 29.96
C SER A 16 5.27 -17.12 30.60
N THR A 17 4.75 -16.22 31.42
CA THR A 17 3.46 -16.43 32.07
C THR A 17 2.33 -16.27 31.05
N PHE A 18 2.65 -15.73 29.86
CA PHE A 18 1.63 -15.58 28.79
C PHE A 18 1.56 -16.84 27.94
N THR A 19 2.58 -17.71 28.04
CA THR A 19 2.65 -18.93 27.24
C THR A 19 1.35 -19.72 27.34
N PRO A 20 0.86 -20.09 28.55
CA PRO A 20 -0.38 -20.87 28.66
C PRO A 20 -1.57 -20.23 27.93
N GLY A 21 -1.77 -18.92 28.12
CA GLY A 21 -2.88 -18.21 27.47
C GLY A 21 -2.76 -18.25 25.94
N ILE A 22 -1.54 -18.08 25.44
CA ILE A 22 -1.28 -18.10 24.02
C ILE A 22 -1.55 -19.52 23.47
N VAL A 23 -1.09 -20.54 24.21
CA VAL A 23 -1.30 -21.93 23.82
C VAL A 23 -2.80 -22.21 23.76
N LEU A 24 -3.55 -21.71 24.74
CA LEU A 24 -5.01 -21.90 24.75
C LEU A 24 -5.60 -21.23 23.51
N MSE A 25 -5.08 -20.04 23.18
CA MSE A 25 -5.52 -19.31 21.99
C MSE A 25 -5.28 -20.13 20.73
O MSE A 25 -6.20 -20.28 19.92
CB MSE A 25 -4.78 -17.98 21.90
CG MSE A 25 -5.37 -17.09 20.81
SE MSE A 25 -4.48 -17.41 19.08
CE MSE A 25 -2.62 -17.09 19.65
N LEU A 26 -4.07 -20.66 20.57
CA LEU A 26 -3.70 -21.44 19.40
C LEU A 26 -4.65 -22.63 19.26
N LEU A 27 -4.92 -23.30 20.38
CA LEU A 27 -5.81 -24.47 20.39
C LEU A 27 -7.23 -24.06 19.97
N ALA A 28 -7.61 -22.82 20.27
CA ALA A 28 -8.94 -22.31 19.89
C ALA A 28 -8.96 -21.90 18.41
N ASN A 29 -7.79 -21.93 17.75
CA ASN A 29 -7.70 -21.51 16.35
C ASN A 29 -7.14 -22.63 15.46
N GLN A 30 -7.38 -23.89 15.82
CA GLN A 30 -6.90 -25.04 15.02
C GLN A 30 -7.62 -25.10 13.65
N ASP A 31 -8.81 -24.48 13.58
CA ASP A 31 -9.63 -24.47 12.36
C ASP A 31 -8.99 -23.63 11.24
N ARG A 32 -8.24 -22.59 11.60
CA ARG A 32 -7.62 -21.70 10.61
C ARG A 32 -6.10 -21.85 10.64
N PHE A 33 -5.57 -22.44 11.71
CA PHE A 33 -4.11 -22.56 11.84
C PHE A 33 -3.80 -23.90 12.51
N PRO A 34 -3.87 -25.01 11.75
CA PRO A 34 -3.65 -26.35 12.31
C PRO A 34 -2.18 -26.54 12.63
N LEU A 35 -1.90 -27.24 13.73
CA LEU A 35 -0.54 -27.47 14.18
C LEU A 35 -0.24 -28.96 14.22
N ARG A 36 0.97 -29.33 13.75
CA ARG A 36 1.44 -30.73 13.84
C ARG A 36 2.44 -30.81 14.99
N SER A 37 3.05 -29.66 15.33
CA SER A 37 4.06 -29.63 16.36
C SER A 37 4.15 -28.26 17.02
N LEU A 38 4.33 -28.28 18.34
CA LEU A 38 4.49 -27.09 19.15
C LEU A 38 5.67 -27.35 20.11
N LYS A 39 6.65 -26.46 20.08
CA LYS A 39 7.81 -26.61 20.91
C LYS A 39 8.03 -25.33 21.70
N PHE A 40 8.60 -25.50 22.89
CA PHE A 40 8.93 -24.42 23.76
C PHE A 40 10.46 -24.38 23.83
N TYR A 41 10.98 -23.16 23.83
CA TYR A 41 12.36 -22.92 24.00
C TYR A 41 12.51 -21.78 25.01
N ASP A 42 13.58 -21.84 25.80
CA ASP A 42 13.85 -20.84 26.82
C ASP A 42 15.29 -21.08 27.31
N ASN A 43 15.91 -20.06 27.89
CA ASN A 43 17.27 -20.18 28.41
C ASN A 43 17.19 -20.42 29.92
N ASP A 44 15.96 -20.39 30.44
CA ASP A 44 15.72 -20.63 31.86
C ASP A 44 14.88 -21.91 31.94
N GLY A 45 15.60 -23.05 31.97
CA GLY A 45 15.06 -24.40 32.00
C GLY A 45 14.06 -24.63 33.12
N ALA A 46 14.49 -24.38 34.36
CA ALA A 46 13.63 -24.60 35.55
C ALA A 46 12.32 -23.80 35.40
N ARG A 47 12.42 -22.52 35.03
CA ARG A 47 11.20 -21.70 34.89
C ARG A 47 10.29 -22.26 33.78
N GLN A 48 10.90 -22.73 32.69
CA GLN A 48 10.15 -23.27 31.54
C GLN A 48 9.46 -24.58 31.91
N GLU A 49 10.17 -25.45 32.65
CA GLU A 49 9.65 -26.78 33.03
C GLU A 49 8.25 -26.67 33.70
N THR A 50 8.07 -25.68 34.56
CA THR A 50 6.80 -25.54 35.25
C THR A 50 5.69 -25.19 34.24
N ILE A 51 6.00 -24.29 33.32
CA ILE A 51 5.03 -23.85 32.31
C ILE A 51 4.71 -24.99 31.34
N ALA A 52 5.77 -25.65 30.88
CA ALA A 52 5.72 -26.71 29.86
C ALA A 52 4.92 -27.92 30.36
N GLU A 53 5.25 -28.40 31.57
CA GLU A 53 4.57 -29.59 32.12
C GLU A 53 3.08 -29.29 32.32
N ALA A 54 2.75 -28.03 32.64
CA ALA A 54 1.33 -27.68 32.79
C ALA A 54 0.68 -27.65 31.41
N CYS A 55 1.37 -27.06 30.44
CA CYS A 55 0.82 -27.01 29.09
C CYS A 55 0.74 -28.42 28.50
N LYS A 56 1.63 -29.30 28.94
CA LYS A 56 1.66 -30.65 28.44
C LYS A 56 0.33 -31.35 28.76
N VAL A 57 -0.20 -31.07 29.97
CA VAL A 57 -1.45 -31.65 30.42
C VAL A 57 -2.61 -31.10 29.59
N ILE A 58 -2.60 -29.80 29.34
CA ILE A 58 -3.63 -29.11 28.57
C ILE A 58 -3.70 -29.66 27.15
N LEU A 59 -2.53 -29.90 26.54
CA LEU A 59 -2.45 -30.37 25.15
C LEU A 59 -2.95 -31.81 25.04
N LYS A 60 -2.63 -32.64 26.03
CA LYS A 60 -3.06 -34.02 25.96
C LYS A 60 -4.59 -34.08 26.13
N GLU A 61 -5.19 -33.06 26.75
CA GLU A 61 -6.65 -33.05 26.92
C GLU A 61 -7.37 -32.62 25.64
N GLN A 62 -7.00 -31.44 25.13
CA GLN A 62 -7.69 -30.79 24.01
C GLN A 62 -7.15 -31.18 22.63
N ALA A 63 -5.87 -31.55 22.53
CA ALA A 63 -5.32 -31.83 21.21
C ALA A 63 -4.14 -32.78 21.30
N PRO A 64 -4.39 -34.09 21.55
CA PRO A 64 -3.31 -35.06 21.72
C PRO A 64 -2.57 -35.44 20.43
N GLU A 65 -3.04 -34.94 19.28
CA GLU A 65 -2.37 -35.23 18.01
C GLU A 65 -1.20 -34.27 17.77
N ILE A 66 -1.16 -33.15 18.50
CA ILE A 66 -0.07 -32.19 18.34
C ILE A 66 1.17 -32.71 19.05
N GLU A 67 2.23 -32.91 18.29
CA GLU A 67 3.52 -33.34 18.83
C GLU A 67 4.04 -32.18 19.70
N PHE A 68 4.44 -32.47 20.95
CA PHE A 68 4.87 -31.41 21.88
C PHE A 68 6.20 -31.77 22.58
N SER A 69 7.04 -30.75 22.78
CA SER A 69 8.31 -30.90 23.51
C SER A 69 8.80 -29.53 23.96
N TYR A 70 9.66 -29.49 24.99
CA TYR A 70 10.27 -28.26 25.49
C TYR A 70 11.77 -28.53 25.66
N THR A 71 12.58 -27.47 25.63
CA THR A 71 14.03 -27.66 25.67
C THR A 71 14.77 -26.33 25.88
N THR A 72 16.07 -26.46 26.15
CA THR A 72 17.01 -25.34 26.30
C THR A 72 18.06 -25.44 25.20
N ASP A 73 17.94 -26.49 24.38
CA ASP A 73 18.86 -26.76 23.30
C ASP A 73 18.37 -26.07 22.02
N PRO A 74 19.11 -25.08 21.48
CA PRO A 74 18.68 -24.39 20.27
C PRO A 74 18.36 -25.33 19.11
N GLN A 75 19.26 -26.28 18.83
CA GLN A 75 19.09 -27.20 17.68
C GLN A 75 17.76 -27.95 17.77
N ALA A 76 17.49 -28.52 18.95
CA ALA A 76 16.26 -29.27 19.11
C ALA A 76 15.04 -28.33 19.02
N ALA A 77 15.20 -27.07 19.44
CA ALA A 77 14.10 -26.11 19.44
C ALA A 77 13.80 -25.55 18.06
N PHE A 78 14.85 -25.17 17.32
CA PHE A 78 14.65 -24.43 16.08
C PHE A 78 14.69 -25.32 14.84
N THR A 79 14.91 -26.63 15.00
CA THR A 79 14.88 -27.51 13.86
C THR A 79 13.42 -27.82 13.50
N ASP A 80 13.15 -27.82 12.18
CA ASP A 80 11.86 -28.22 11.61
C ASP A 80 10.70 -27.36 12.11
N VAL A 81 10.83 -26.04 12.03
CA VAL A 81 9.72 -25.16 12.39
C VAL A 81 9.40 -24.27 11.18
N ASP A 82 8.13 -23.82 11.09
CA ASP A 82 7.67 -22.88 10.09
C ASP A 82 7.64 -21.48 10.71
N PHE A 83 7.33 -21.41 12.01
CA PHE A 83 7.24 -20.11 12.70
C PHE A 83 7.87 -20.16 14.10
N VAL A 84 8.47 -19.03 14.47
CA VAL A 84 9.03 -18.80 15.77
C VAL A 84 8.21 -17.66 16.38
N MSE A 85 7.60 -17.90 17.53
CA MSE A 85 6.83 -16.88 18.21
C MSE A 85 7.78 -16.46 19.34
O MSE A 85 8.06 -17.23 20.25
CB MSE A 85 5.52 -17.44 18.72
CG MSE A 85 4.60 -17.66 17.52
SE MSE A 85 2.88 -18.48 18.08
CE MSE A 85 2.38 -18.67 16.16
N ALA A 86 8.29 -15.24 19.23
CA ALA A 86 9.28 -14.76 20.17
C ALA A 86 8.67 -13.79 21.17
N HIS A 87 8.59 -14.23 22.43
CA HIS A 87 8.12 -13.36 23.50
C HIS A 87 9.06 -13.54 24.70
N ILE A 88 10.32 -13.17 24.50
CA ILE A 88 11.32 -13.23 25.57
C ILE A 88 11.39 -11.88 26.30
N ARG A 89 11.88 -11.92 27.54
CA ARG A 89 12.08 -10.74 28.40
C ARG A 89 13.44 -10.89 29.10
N VAL A 90 14.51 -10.53 28.39
CA VAL A 90 15.87 -10.65 28.92
C VAL A 90 15.97 -9.85 30.22
N GLY A 91 16.40 -10.55 31.28
CA GLY A 91 16.53 -9.96 32.59
C GLY A 91 15.28 -10.20 33.43
N LYS A 92 14.16 -10.53 32.76
CA LYS A 92 12.87 -10.85 33.44
C LYS A 92 12.37 -9.67 34.28
N TYR A 93 11.46 -9.96 35.22
CA TYR A 93 10.83 -8.93 36.05
C TYR A 93 11.78 -8.27 37.03
N PRO A 94 12.86 -8.91 37.53
CA PRO A 94 13.78 -8.20 38.43
C PRO A 94 14.47 -7.03 37.73
N MSE A 95 14.76 -7.17 36.43
CA MSE A 95 15.36 -6.08 35.69
C MSE A 95 14.29 -5.05 35.29
O MSE A 95 14.56 -3.86 35.28
CB MSE A 95 16.14 -6.56 34.47
CG MSE A 95 17.40 -7.33 34.86
SE MSE A 95 18.51 -6.34 36.17
CE MSE A 95 18.54 -4.55 35.36
N ARG A 96 13.07 -5.52 34.97
CA ARG A 96 12.02 -4.55 34.67
C ARG A 96 11.84 -3.68 35.92
N GLU A 97 12.00 -4.28 37.10
CA GLU A 97 11.84 -3.49 38.34
C GLU A 97 12.90 -2.37 38.40
N GLN A 98 14.14 -2.69 37.98
CA GLN A 98 15.23 -1.69 37.98
C GLN A 98 14.96 -0.58 36.96
N ASP A 99 14.53 -0.99 35.75
CA ASP A 99 14.21 -0.07 34.68
C ASP A 99 13.20 0.99 35.15
N GLU A 100 12.30 0.57 36.03
CA GLU A 100 11.23 1.42 36.51
C GLU A 100 11.67 2.31 37.68
N LYS A 101 12.49 1.77 38.59
CA LYS A 101 12.88 2.51 39.82
C LYS A 101 14.13 3.38 39.63
N ILE A 102 15.10 2.92 38.84
CA ILE A 102 16.33 3.74 38.69
C ILE A 102 15.99 5.13 38.14
N PRO A 103 15.30 5.29 36.99
CA PRO A 103 14.96 6.63 36.52
C PRO A 103 14.22 7.46 37.57
N LEU A 104 13.29 6.83 38.29
CA LEU A 104 12.46 7.52 39.29
C LEU A 104 13.27 8.11 40.44
N ARG A 105 14.44 7.52 40.77
CA ARG A 105 15.25 8.11 41.88
C ARG A 105 15.89 9.42 41.40
N HIS A 106 15.80 9.68 40.08
CA HIS A 106 16.35 10.92 39.50
C HIS A 106 15.22 11.82 38.98
N GLY A 107 13.96 11.51 39.35
CA GLY A 107 12.83 12.35 38.94
C GLY A 107 12.39 12.16 37.50
N VAL A 108 12.71 11.00 36.90
CA VAL A 108 12.31 10.65 35.52
C VAL A 108 11.42 9.39 35.56
N LEU A 109 10.45 9.32 34.63
CA LEU A 109 9.53 8.20 34.61
C LEU A 109 10.29 6.91 34.28
N GLY A 110 9.87 5.84 34.95
CA GLY A 110 10.36 4.49 34.80
C GLY A 110 9.27 3.64 34.16
N GLN A 111 9.52 3.15 32.94
CA GLN A 111 8.51 2.40 32.25
C GLN A 111 9.20 1.31 31.42
N GLU A 112 8.44 0.24 31.19
CA GLU A 112 8.88 -0.95 30.50
C GLU A 112 9.55 -0.62 29.16
N THR A 113 8.93 0.23 28.32
CA THR A 113 9.50 0.43 26.97
C THR A 113 9.77 1.90 26.62
N CYS A 114 9.41 2.84 27.48
CA CYS A 114 9.59 4.24 27.22
C CYS A 114 10.46 4.89 28.28
N GLY A 115 11.23 5.88 27.85
CA GLY A 115 12.14 6.57 28.74
C GLY A 115 13.39 5.72 28.99
N PRO A 116 14.25 6.11 29.94
CA PRO A 116 15.50 5.38 30.20
C PRO A 116 15.27 3.92 30.57
N GLY A 117 14.12 3.61 31.18
CA GLY A 117 13.81 2.21 31.52
C GLY A 117 13.70 1.35 30.27
N GLY A 118 13.03 1.88 29.26
CA GLY A 118 12.85 1.17 27.98
C GLY A 118 14.16 1.08 27.22
N ILE A 119 14.93 2.17 27.28
CA ILE A 119 16.24 2.20 26.65
C ILE A 119 17.08 1.08 27.24
N ALA A 120 17.02 0.92 28.57
CA ALA A 120 17.82 -0.11 29.26
C ALA A 120 17.34 -1.51 28.84
N TYR A 121 16.02 -1.69 28.76
CA TYR A 121 15.46 -2.99 28.36
C TYR A 121 15.85 -3.29 26.90
N GLY A 122 15.94 -2.23 26.10
CA GLY A 122 16.33 -2.39 24.69
C GLY A 122 17.79 -2.82 24.57
N MSE A 123 18.64 -2.30 25.46
CA MSE A 123 20.07 -2.61 25.48
C MSE A 123 20.29 -4.07 25.86
O MSE A 123 21.26 -4.69 25.43
CB MSE A 123 20.86 -1.70 26.43
CG MSE A 123 21.06 -0.29 25.90
SE MSE A 123 22.37 -0.13 24.42
CE MSE A 123 24.04 -0.77 25.26
N ARG A 124 19.40 -4.59 26.71
CA ARG A 124 19.45 -5.99 27.14
C ARG A 124 18.91 -6.92 26.05
N SER A 125 17.84 -6.47 25.38
CA SER A 125 17.09 -7.30 24.42
C SER A 125 17.80 -7.52 23.08
N ILE A 126 18.56 -6.53 22.58
CA ILE A 126 19.21 -6.64 21.23
C ILE A 126 19.97 -7.96 21.09
N GLY A 127 20.93 -8.20 21.99
CA GLY A 127 21.77 -9.41 21.97
C GLY A 127 20.96 -10.69 21.89
N GLY A 128 19.96 -10.79 22.77
CA GLY A 128 19.08 -11.96 22.87
C GLY A 128 18.35 -12.27 21.57
N VAL A 129 17.79 -11.24 20.93
CA VAL A 129 17.02 -11.38 19.70
C VAL A 129 17.94 -11.76 18.55
N LEU A 130 19.14 -11.16 18.50
CA LEU A 130 20.07 -11.52 17.43
C LEU A 130 20.38 -13.02 17.55
N GLU A 131 20.46 -13.52 18.78
CA GLU A 131 20.72 -14.95 19.00
C GLU A 131 19.58 -15.80 18.41
N LEU A 132 18.34 -15.46 18.73
CA LEU A 132 17.18 -16.23 18.24
C LEU A 132 17.18 -16.24 16.71
N VAL A 133 17.40 -15.07 16.11
CA VAL A 133 17.37 -14.96 14.66
C VAL A 133 18.43 -15.89 14.08
N ASP A 134 19.62 -15.91 14.69
CA ASP A 134 20.70 -16.75 14.19
C ASP A 134 20.33 -18.21 14.33
N TYR A 135 19.71 -18.58 15.46
CA TYR A 135 19.32 -19.99 15.67
C TYR A 135 18.31 -20.38 14.61
N MSE A 136 17.27 -19.57 14.41
CA MSE A 136 16.25 -19.89 13.44
C MSE A 136 16.83 -20.08 12.03
O MSE A 136 16.50 -21.05 11.36
CB MSE A 136 15.17 -18.80 13.42
CG MSE A 136 14.17 -19.01 12.29
SE MSE A 136 12.81 -17.59 12.27
CE MSE A 136 13.86 -16.19 11.34
N GLU A 137 17.70 -19.17 11.60
CA GLU A 137 18.26 -19.22 10.26
C GLU A 137 19.20 -20.42 10.09
N LYS A 138 19.80 -20.89 11.19
CA LYS A 138 20.73 -22.01 11.13
C LYS A 138 20.00 -23.35 11.05
N TYR A 139 18.88 -23.47 11.77
CA TYR A 139 18.20 -24.77 11.85
C TYR A 139 16.91 -24.84 11.04
N SER A 140 16.29 -23.70 10.73
CA SER A 140 15.07 -23.67 9.87
C SER A 140 15.14 -22.43 9.00
N PRO A 141 16.02 -22.45 7.97
CA PRO A 141 16.22 -21.29 7.09
C PRO A 141 14.97 -20.66 6.47
N ASN A 142 13.92 -21.46 6.28
CA ASN A 142 12.70 -20.96 5.63
C ASN A 142 11.67 -20.43 6.63
N ALA A 143 11.97 -20.50 7.93
CA ALA A 143 11.01 -20.06 8.96
C ALA A 143 10.86 -18.54 9.03
N TRP A 144 9.70 -18.11 9.53
CA TRP A 144 9.39 -16.70 9.80
C TRP A 144 9.34 -16.50 11.32
N MSE A 145 9.92 -15.40 11.79
CA MSE A 145 9.92 -15.10 13.20
C MSE A 145 8.86 -14.01 13.42
O MSE A 145 8.90 -12.98 12.75
CB MSE A 145 11.23 -14.54 13.66
CG MSE A 145 11.07 -14.09 15.11
SE MSE A 145 12.76 -13.54 15.97
CE MSE A 145 13.76 -15.22 15.89
N LEU A 146 7.92 -14.28 14.33
CA LEU A 146 6.91 -13.32 14.72
C LEU A 146 7.37 -12.75 16.06
N ASN A 147 7.94 -11.55 15.97
CA ASN A 147 8.51 -10.91 17.10
C ASN A 147 7.48 -9.90 17.64
N TYR A 148 6.84 -10.28 18.77
CA TYR A 148 5.88 -9.41 19.42
C TYR A 148 6.45 -9.07 20.80
N SER A 149 7.77 -9.16 20.90
CA SER A 149 8.48 -8.78 22.08
C SER A 149 8.66 -7.26 22.02
N ASN A 150 8.99 -6.69 23.17
CA ASN A 150 9.30 -5.28 23.30
C ASN A 150 10.77 -5.21 23.72
N PRO A 151 11.42 -4.04 23.61
CA PRO A 151 10.92 -2.80 23.05
C PRO A 151 11.25 -2.86 21.56
N ALA A 152 10.21 -3.04 20.75
CA ALA A 152 10.32 -3.28 19.32
C ALA A 152 11.01 -2.12 18.58
N ALA A 153 10.80 -0.88 19.01
CA ALA A 153 11.42 0.23 18.26
C ALA A 153 12.95 0.13 18.28
N ILE A 154 13.51 -0.28 19.43
CA ILE A 154 14.95 -0.38 19.53
C ILE A 154 15.41 -1.68 18.88
N VAL A 155 14.73 -2.82 19.18
CA VAL A 155 15.15 -4.10 18.64
C VAL A 155 14.98 -4.14 17.10
N ALA A 156 13.90 -3.53 16.59
CA ALA A 156 13.65 -3.56 15.16
C ALA A 156 14.73 -2.75 14.42
N GLU A 157 15.19 -1.67 15.06
CA GLU A 157 16.23 -0.85 14.48
C GLU A 157 17.54 -1.65 14.45
N ALA A 158 17.77 -2.47 15.48
CA ALA A 158 18.99 -3.29 15.53
C ALA A 158 18.98 -4.36 14.41
N THR A 159 17.85 -5.05 14.26
CA THR A 159 17.72 -6.13 13.27
C THR A 159 17.70 -5.55 11.84
N ARG A 160 17.19 -4.33 11.67
CA ARG A 160 17.19 -3.71 10.36
C ARG A 160 18.63 -3.53 9.87
N ARG A 161 19.45 -3.10 10.81
CA ARG A 161 20.83 -2.76 10.61
C ARG A 161 21.71 -4.01 10.51
N LEU A 162 21.44 -5.04 11.33
CA LEU A 162 22.34 -6.21 11.48
C LEU A 162 21.80 -7.50 10.87
N ARG A 163 20.50 -7.58 10.63
CA ARG A 163 19.95 -8.77 10.00
C ARG A 163 18.91 -8.29 8.99
N PRO A 164 19.32 -7.43 8.04
CA PRO A 164 18.37 -6.75 7.14
C PRO A 164 17.46 -7.64 6.28
N ASN A 165 17.91 -8.87 6.03
CA ASN A 165 17.19 -9.75 5.17
C ASN A 165 16.51 -10.87 5.95
N ALA A 166 16.72 -10.92 7.27
CA ALA A 166 16.12 -12.00 8.03
C ALA A 166 14.59 -11.96 7.85
N LYS A 167 13.95 -13.12 7.94
CA LYS A 167 12.50 -13.19 7.79
C LYS A 167 11.90 -12.96 9.18
N ILE A 168 11.88 -11.68 9.58
CA ILE A 168 11.35 -11.25 10.85
C ILE A 168 10.18 -10.31 10.60
N LEU A 169 9.08 -10.54 11.33
CA LEU A 169 7.88 -9.71 11.32
C LEU A 169 7.78 -9.12 12.72
N ASN A 170 7.85 -7.79 12.75
CA ASN A 170 7.78 -7.00 13.94
C ASN A 170 6.34 -6.50 14.05
N ILE A 171 5.64 -6.89 15.13
CA ILE A 171 4.26 -6.50 15.33
C ILE A 171 4.03 -6.17 16.80
N CYS A 172 3.10 -5.22 17.04
CA CYS A 172 2.77 -4.70 18.36
C CYS A 172 1.26 -4.85 18.62
N ASP A 173 0.90 -5.16 19.88
CA ASP A 173 -0.50 -5.39 20.29
C ASP A 173 -1.19 -4.12 20.79
N MSE A 174 -0.41 -3.08 21.15
CA MSE A 174 -1.00 -1.85 21.65
C MSE A 174 -2.04 -1.31 20.68
O MSE A 174 -3.15 -0.98 21.10
CB MSE A 174 -0.01 -0.72 21.98
CG MSE A 174 -0.68 0.41 22.78
SE MSE A 174 -1.36 -0.19 24.53
CE MSE A 174 0.04 -1.48 25.02
N PRO A 175 -1.74 -1.18 19.37
CA PRO A 175 -2.73 -0.69 18.41
C PRO A 175 -3.98 -1.58 18.37
N ILE A 176 -3.79 -2.89 18.45
CA ILE A 176 -4.92 -3.87 18.44
C ILE A 176 -5.87 -3.58 19.63
N GLY A 177 -5.30 -3.49 20.83
CA GLY A 177 -6.11 -3.22 22.01
C GLY A 177 -6.84 -1.89 21.89
N ILE A 178 -6.15 -0.84 21.43
CA ILE A 178 -6.79 0.48 21.31
C ILE A 178 -7.93 0.39 20.28
N GLU A 179 -7.68 -0.25 19.14
CA GLU A 179 -8.72 -0.35 18.14
C GLU A 179 -9.94 -1.10 18.70
N GLY A 180 -9.69 -2.11 19.53
CA GLY A 180 -10.80 -2.88 20.14
C GLY A 180 -11.70 -1.98 20.96
N ARG A 181 -11.09 -1.02 21.67
CA ARG A 181 -11.84 -0.07 22.48
C ARG A 181 -12.58 0.92 21.59
N MSE A 182 -11.94 1.33 20.49
CA MSE A 182 -12.55 2.24 19.55
C MSE A 182 -13.82 1.63 18.99
O MSE A 182 -14.87 2.27 18.93
CB MSE A 182 -11.63 2.60 18.37
CG MSE A 182 -10.45 3.49 18.78
SE MSE A 182 -9.16 3.64 17.29
CE MSE A 182 -8.68 5.41 17.97
N ALA A 183 -13.72 0.36 18.57
CA ALA A 183 -14.84 -0.35 17.99
C ALA A 183 -16.03 -0.36 18.95
N GLN A 184 -15.76 -0.59 20.25
CA GLN A 184 -16.83 -0.62 21.28
C GLN A 184 -17.42 0.78 21.42
N ILE A 185 -16.56 1.81 21.38
CA ILE A 185 -17.03 3.18 21.57
C ILE A 185 -18.03 3.56 20.46
N VAL A 186 -17.71 3.21 19.20
CA VAL A 186 -18.60 3.59 18.08
C VAL A 186 -19.76 2.61 17.97
N GLY A 187 -19.63 1.46 18.65
CA GLY A 187 -20.71 0.45 18.68
C GLY A 187 -20.62 -0.58 17.56
N LEU A 188 -19.41 -0.88 17.06
CA LEU A 188 -19.27 -1.95 16.05
C LEU A 188 -18.96 -3.27 16.77
N LYS A 189 -19.19 -4.37 16.04
CA LYS A 189 -19.01 -5.72 16.56
C LYS A 189 -17.57 -5.92 17.05
N ASP A 190 -16.60 -5.50 16.25
CA ASP A 190 -15.17 -5.67 16.61
C ASP A 190 -14.31 -4.75 15.73
N ARG A 191 -12.98 -4.83 15.93
CA ARG A 191 -12.04 -3.95 15.21
C ARG A 191 -11.91 -4.35 13.73
N LYS A 192 -12.17 -5.62 13.40
CA LYS A 192 -12.09 -6.09 12.01
C LYS A 192 -13.23 -5.45 11.17
N GLN A 193 -14.13 -4.70 11.83
CA GLN A 193 -15.19 -3.98 11.08
C GLN A 193 -14.71 -2.56 10.76
N MSE A 194 -13.42 -2.30 11.00
CA MSE A 194 -12.85 -1.00 10.73
C MSE A 194 -11.66 -1.11 9.77
O MSE A 194 -10.94 -2.11 9.76
CB MSE A 194 -12.37 -0.37 12.05
CG MSE A 194 -13.56 -0.07 12.95
SE MSE A 194 -12.95 0.82 14.60
CE MSE A 194 -11.04 0.29 14.74
N ARG A 195 -11.48 -0.07 8.96
CA ARG A 195 -10.34 0.03 8.06
C ARG A 195 -9.68 1.36 8.44
N VAL A 196 -8.36 1.33 8.74
CA VAL A 196 -7.67 2.50 9.26
C VAL A 196 -6.37 2.82 8.52
N ARG A 197 -5.98 4.09 8.68
CA ARG A 197 -4.68 4.64 8.26
C ARG A 197 -4.02 5.13 9.56
N TYR A 198 -2.70 4.95 9.61
CA TYR A 198 -1.92 5.22 10.80
C TYR A 198 -0.45 5.35 10.41
N TYR A 199 0.30 6.12 11.19
CA TYR A 199 1.74 6.23 10.98
C TYR A 199 2.37 6.52 12.33
N GLY A 200 3.67 6.23 12.42
CA GLY A 200 4.44 6.53 13.62
C GLY A 200 5.61 5.57 13.78
N LEU A 201 6.25 5.65 14.94
CA LEU A 201 7.24 4.68 15.34
C LEU A 201 6.45 3.74 16.24
N ASN A 202 7.03 2.58 16.58
CA ASN A 202 6.33 1.70 17.51
C ASN A 202 6.06 2.47 18.81
N HIS A 203 4.89 2.25 19.42
CA HIS A 203 4.57 2.92 20.70
C HIS A 203 4.68 4.44 20.52
N PHE A 204 4.44 4.92 19.30
CA PHE A 204 4.60 6.35 19.05
C PHE A 204 3.91 6.69 17.73
N GLY A 205 2.58 6.65 17.72
CA GLY A 205 1.88 6.86 16.44
C GLY A 205 0.49 7.44 16.55
N TRP A 206 -0.13 7.63 15.38
CA TRP A 206 -1.42 8.29 15.25
C TRP A 206 -2.26 7.67 14.13
N TRP A 207 -3.56 7.53 14.41
CA TRP A 207 -4.54 7.10 13.44
C TRP A 207 -4.97 8.38 12.70
N THR A 208 -4.97 8.34 11.37
CA THR A 208 -5.34 9.50 10.57
C THR A 208 -6.71 9.30 9.95
N SER A 209 -7.05 8.04 9.69
CA SER A 209 -8.30 7.70 9.07
C SER A 209 -8.91 6.49 9.79
N ILE A 210 -10.17 6.61 10.19
CA ILE A 210 -10.87 5.49 10.83
C ILE A 210 -12.28 5.44 10.24
N GLU A 211 -12.51 4.38 9.45
CA GLU A 211 -13.76 4.15 8.77
C GLU A 211 -14.25 2.72 8.98
N ASP A 212 -15.55 2.52 8.69
CA ASP A 212 -16.12 1.17 8.68
C ASP A 212 -15.76 0.61 7.30
N LEU A 213 -16.16 -0.63 7.00
CA LEU A 213 -15.76 -1.26 5.76
C LEU A 213 -16.39 -0.60 4.53
N ASP A 214 -17.54 0.05 4.70
CA ASP A 214 -18.25 0.72 3.58
C ASP A 214 -17.62 2.09 3.29
N GLY A 215 -16.88 2.64 4.26
CA GLY A 215 -16.17 3.94 4.12
C GLY A 215 -16.73 5.08 4.97
N ASN A 216 -17.75 4.81 5.78
CA ASN A 216 -18.37 5.84 6.65
C ASN A 216 -17.33 6.30 7.68
N ASP A 217 -17.24 7.62 7.88
CA ASP A 217 -16.25 8.18 8.78
C ASP A 217 -16.70 7.94 10.24
N LEU A 218 -15.81 7.31 11.01
CA LEU A 218 -16.04 7.00 12.42
C LEU A 218 -15.31 8.01 13.29
N MSE A 219 -14.49 8.85 12.67
CA MSE A 219 -13.70 9.83 13.39
C MSE A 219 -14.52 10.82 14.21
O MSE A 219 -14.18 11.07 15.37
CB MSE A 219 -12.74 10.56 12.44
CG MSE A 219 -11.62 11.30 13.17
SE MSE A 219 -10.31 10.08 14.02
CE MSE A 219 -9.39 9.68 12.32
N PRO A 220 -15.56 11.47 13.64
CA PRO A 220 -16.35 12.44 14.38
C PRO A 220 -16.88 11.94 15.74
N LYS A 221 -17.39 10.70 15.74
CA LYS A 221 -17.95 10.11 16.94
C LYS A 221 -16.82 9.79 17.94
N LEU A 222 -15.66 9.34 17.42
CA LEU A 222 -14.55 9.04 18.29
C LEU A 222 -14.02 10.32 18.92
N ARG A 223 -13.95 11.40 18.14
CA ARG A 223 -13.44 12.67 18.67
C ARG A 223 -14.32 13.12 19.87
N GLU A 224 -15.64 13.12 19.64
CA GLU A 224 -16.58 13.60 20.65
C GLU A 224 -16.45 12.78 21.95
N TYR A 225 -16.25 11.47 21.79
CA TYR A 225 -16.18 10.59 22.95
C TYR A 225 -14.81 10.64 23.64
N VAL A 226 -13.71 10.50 22.87
CA VAL A 226 -12.35 10.47 23.45
C VAL A 226 -12.03 11.80 24.14
N ALA A 227 -12.62 12.89 23.65
CA ALA A 227 -12.39 14.22 24.21
C ALA A 227 -12.92 14.30 25.64
N LYS A 228 -13.79 13.36 26.03
CA LYS A 228 -14.39 13.39 27.37
C LYS A 228 -13.92 12.23 28.25
N TYR A 229 -13.72 11.05 27.64
CA TYR A 229 -13.44 9.89 28.46
C TYR A 229 -12.18 9.12 28.00
N GLY A 230 -11.53 9.59 26.94
CA GLY A 230 -10.35 8.88 26.44
C GLY A 230 -10.78 7.56 25.80
N TYR A 231 -9.96 6.51 25.95
CA TYR A 231 -10.29 5.24 25.34
C TYR A 231 -10.99 4.31 26.33
N VAL A 232 -11.60 4.87 27.38
CA VAL A 232 -12.35 4.08 28.34
C VAL A 232 -13.73 3.85 27.72
N PRO A 233 -14.07 2.61 27.30
CA PRO A 233 -15.34 2.37 26.61
C PRO A 233 -16.51 2.33 27.59
N PRO A 234 -17.76 2.52 27.09
CA PRO A 234 -18.95 2.54 27.96
C PRO A 234 -19.04 1.31 28.89
N SER A 235 -18.37 0.22 28.48
CA SER A 235 -18.32 -1.03 29.24
C SER A 235 -17.41 -0.83 30.46
N GLU A 241 -7.81 -3.27 35.19
CA GLU A 241 -6.74 -2.90 36.13
C GLU A 241 -6.56 -1.37 36.12
N ALA A 242 -6.35 -0.81 37.33
CA ALA A 242 -6.21 0.64 37.60
C ALA A 242 -5.17 1.35 36.71
N SER A 243 -3.94 0.80 36.65
CA SER A 243 -2.84 1.42 35.88
C SER A 243 -3.21 1.61 34.40
N TRP A 244 -3.81 0.58 33.79
CA TRP A 244 -4.19 0.66 32.37
C TRP A 244 -5.38 1.60 32.16
N ASN A 245 -6.40 1.52 33.03
CA ASN A 245 -7.57 2.40 32.92
C ASN A 245 -7.10 3.86 32.77
N ASP A 246 -6.18 4.28 33.65
CA ASP A 246 -5.61 5.65 33.70
C ASP A 246 -4.94 6.00 32.35
N THR A 247 -4.14 5.07 31.82
CA THR A 247 -3.45 5.28 30.55
C THR A 247 -4.49 5.53 29.45
N PHE A 248 -5.52 4.67 29.40
CA PHE A 248 -6.57 4.78 28.40
C PHE A 248 -7.37 6.08 28.60
N ALA A 249 -7.53 6.50 29.86
CA ALA A 249 -8.28 7.74 30.14
C ALA A 249 -7.44 8.96 29.73
N LYS A 250 -6.14 8.90 30.04
CA LYS A 250 -5.23 10.02 29.79
C LYS A 250 -5.09 10.32 28.28
N ALA A 251 -5.54 9.40 27.43
CA ALA A 251 -5.48 9.62 25.98
C ALA A 251 -6.35 10.83 25.60
N LYS A 252 -7.23 11.24 26.52
CA LYS A 252 -8.08 12.42 26.34
C LYS A 252 -7.22 13.66 26.10
N ASP A 253 -6.23 13.87 26.97
CA ASP A 253 -5.31 14.99 26.95
C ASP A 253 -4.30 14.85 25.80
N VAL A 254 -3.87 13.64 25.52
CA VAL A 254 -2.93 13.37 24.47
C VAL A 254 -3.59 13.63 23.10
N GLN A 255 -4.83 13.17 22.92
CA GLN A 255 -5.52 13.36 21.64
C GLN A 255 -5.77 14.86 21.40
N ALA A 256 -5.87 15.62 22.49
CA ALA A 256 -6.16 17.06 22.42
C ALA A 256 -5.06 17.83 21.67
N LEU A 257 -3.82 17.29 21.64
CA LEU A 257 -2.67 17.98 20.98
C LEU A 257 -2.81 17.98 19.45
N ASP A 258 -3.67 17.12 18.90
CA ASP A 258 -3.94 17.10 17.45
C ASP A 258 -5.34 16.56 17.26
N PRO A 259 -6.38 17.43 17.22
CA PRO A 259 -7.78 16.99 17.16
C PRO A 259 -8.21 16.16 15.94
N GLN A 260 -7.43 16.22 14.86
CA GLN A 260 -7.76 15.51 13.60
C GLN A 260 -7.39 14.02 13.69
N THR A 261 -6.50 13.67 14.62
CA THR A 261 -6.02 12.28 14.75
C THR A 261 -6.39 11.67 16.10
N MSE A 262 -6.09 10.37 16.23
CA MSE A 262 -6.31 9.61 17.44
C MSE A 262 -4.91 9.13 17.79
O MSE A 262 -4.20 8.65 16.92
CB MSE A 262 -7.17 8.41 17.21
CG MSE A 262 -8.63 8.79 17.09
SE MSE A 262 -9.34 9.23 18.89
CE MSE A 262 -10.22 10.83 18.20
N PRO A 263 -4.44 9.27 19.05
CA PRO A 263 -3.09 8.84 19.39
C PRO A 263 -2.88 7.48 20.06
N ASN A 264 -1.69 6.93 19.85
CA ASN A 264 -1.22 5.75 20.53
C ASN A 264 -1.07 6.17 22.00
N THR A 265 -1.51 5.31 22.94
CA THR A 265 -1.51 5.63 24.36
C THR A 265 -0.10 5.86 24.92
N TYR A 266 0.94 5.32 24.27
CA TYR A 266 2.29 5.52 24.82
C TYR A 266 2.74 6.98 24.70
N LEU A 267 2.01 7.78 23.91
CA LEU A 267 2.38 9.20 23.77
C LEU A 267 2.20 9.98 25.08
N LYS A 268 1.47 9.43 26.06
CA LYS A 268 1.30 10.17 27.30
C LYS A 268 2.66 10.28 28.01
N TYR A 269 3.55 9.32 27.79
CA TYR A 269 4.83 9.35 28.47
C TYR A 269 5.72 10.45 27.93
N TYR A 270 5.47 10.88 26.67
CA TYR A 270 6.32 11.86 25.99
C TYR A 270 5.72 13.28 26.11
N LEU A 271 4.38 13.37 26.10
CA LEU A 271 3.71 14.66 26.17
C LEU A 271 3.40 15.07 27.61
N PHE A 272 3.24 14.09 28.52
CA PHE A 272 2.95 14.43 29.93
C PHE A 272 3.86 13.65 30.87
N PRO A 273 5.21 13.71 30.70
CA PRO A 273 6.10 12.98 31.57
C PRO A 273 6.00 13.45 33.03
N ASP A 274 5.68 14.73 33.23
CA ASP A 274 5.58 15.31 34.61
C ASP A 274 4.47 14.58 35.38
N TYR A 275 3.30 14.46 34.73
CA TYR A 275 2.14 13.79 35.27
C TYR A 275 2.51 12.36 35.67
N VAL A 276 3.25 11.66 34.79
CA VAL A 276 3.60 10.27 35.04
C VAL A 276 4.49 10.16 36.29
N VAL A 277 5.47 11.07 36.41
CA VAL A 277 6.38 10.99 37.55
C VAL A 277 5.61 11.28 38.85
N ALA A 278 4.70 12.27 38.80
CA ALA A 278 3.92 12.69 39.99
C ALA A 278 3.04 11.54 40.52
N HIS A 279 2.44 10.78 39.59
CA HIS A 279 1.52 9.70 39.93
C HIS A 279 2.25 8.35 40.05
N SER A 280 3.56 8.39 40.26
CA SER A 280 4.31 7.16 40.41
C SER A 280 4.70 6.96 41.89
N ASN A 281 5.14 5.75 42.22
CA ASN A 281 5.53 5.35 43.54
C ASN A 281 6.86 4.60 43.43
N PRO A 282 8.01 5.25 43.71
CA PRO A 282 9.33 4.59 43.59
C PRO A 282 9.55 3.32 44.43
N GLU A 283 8.59 3.02 45.34
CA GLU A 283 8.67 1.83 46.22
C GLU A 283 7.96 0.65 45.53
N ARG A 284 6.81 0.93 44.92
CA ARG A 284 6.04 -0.07 44.20
C ARG A 284 5.77 0.38 42.76
N THR A 285 6.36 -0.35 41.80
CA THR A 285 6.18 -0.05 40.39
C THR A 285 5.38 -1.19 39.73
N ARG A 286 5.07 -1.01 38.45
CA ARG A 286 4.27 -1.97 37.70
C ARG A 286 4.86 -3.39 37.84
N ALA A 287 6.20 -3.48 37.84
CA ALA A 287 6.86 -4.79 37.94
C ALA A 287 6.48 -5.49 39.25
N ASN A 288 6.37 -4.72 40.33
CA ASN A 288 6.02 -5.25 41.65
C ASN A 288 4.60 -5.81 41.61
N GLU A 289 3.68 -5.10 40.94
CA GLU A 289 2.29 -5.54 40.81
C GLU A 289 2.23 -6.89 40.08
N VAL A 290 2.92 -6.97 38.94
CA VAL A 290 2.92 -8.18 38.13
C VAL A 290 3.59 -9.32 38.90
N MSE A 291 4.71 -9.04 39.58
CA MSE A 291 5.44 -10.05 40.31
C MSE A 291 4.63 -10.69 41.44
O MSE A 291 4.65 -11.91 41.61
CB MSE A 291 6.76 -9.49 40.87
CG MSE A 291 7.84 -9.50 39.80
SE MSE A 291 9.61 -8.94 40.48
CE MSE A 291 9.28 -7.02 40.66
N ASP A 292 3.89 -9.86 42.18
CA ASP A 292 3.10 -10.30 43.32
C ASP A 292 1.72 -10.79 42.87
N HIS A 293 1.39 -10.62 41.58
CA HIS A 293 0.07 -11.09 41.11
C HIS A 293 0.24 -12.08 39.94
N ARG A 294 0.21 -11.56 38.70
CA ARG A 294 0.25 -12.42 37.50
C ARG A 294 1.38 -13.46 37.58
N GLU A 295 2.60 -13.03 37.92
CA GLU A 295 3.74 -13.98 38.00
C GLU A 295 3.43 -15.12 38.97
N LYS A 296 3.12 -14.80 40.23
CA LYS A 296 2.86 -15.84 41.25
C LYS A 296 1.63 -16.68 40.91
N ASN A 297 0.59 -16.05 40.35
CA ASN A 297 -0.69 -16.75 40.03
C ASN A 297 -0.50 -17.81 38.94
N VAL A 298 0.14 -17.44 37.84
CA VAL A 298 0.30 -18.38 36.74
C VAL A 298 1.17 -19.57 37.18
N PHE A 299 2.34 -19.30 37.78
CA PHE A 299 3.23 -20.40 38.23
C PHE A 299 2.53 -21.29 39.26
N SER A 300 1.69 -20.69 40.12
CA SER A 300 0.96 -21.45 41.13
CA SER A 300 0.96 -21.44 41.13
C SER A 300 -0.06 -22.36 40.45
N ALA A 301 -0.87 -21.77 39.56
CA ALA A 301 -1.89 -22.51 38.83
C ALA A 301 -1.23 -23.60 37.98
N CYS A 302 -0.01 -23.34 37.49
CA CYS A 302 0.71 -24.35 36.67
C CYS A 302 1.16 -25.54 37.54
N ARG A 303 1.69 -25.28 38.74
CA ARG A 303 2.12 -26.36 39.65
C ARG A 303 0.88 -27.15 40.10
N ALA A 304 -0.25 -26.45 40.24
CA ALA A 304 -1.51 -27.08 40.64
C ALA A 304 -1.97 -28.07 39.56
N ILE A 305 -1.79 -27.68 38.29
CA ILE A 305 -2.17 -28.51 37.14
C ILE A 305 -1.28 -29.76 37.10
N ILE A 306 0.02 -29.57 37.28
CA ILE A 306 0.98 -30.69 37.25
C ILE A 306 0.68 -31.67 38.38
N ALA A 307 0.50 -31.15 39.60
CA ALA A 307 0.30 -31.98 40.80
C ALA A 307 -1.05 -32.71 40.74
N ALA A 308 -2.09 -32.07 40.18
CA ALA A 308 -3.40 -32.72 40.11
C ALA A 308 -3.54 -33.56 38.84
N GLY A 309 -2.83 -33.17 37.78
CA GLY A 309 -2.88 -33.90 36.49
C GLY A 309 -4.13 -33.55 35.69
N LYS A 310 -4.69 -32.35 35.96
CA LYS A 310 -5.91 -31.84 35.33
C LYS A 310 -5.82 -30.32 35.13
N SER A 311 -6.26 -29.85 33.96
CA SER A 311 -6.24 -28.43 33.64
C SER A 311 -7.14 -27.63 34.59
N THR A 312 -8.27 -28.23 35.00
CA THR A 312 -9.27 -27.57 35.84
C THR A 312 -8.73 -27.28 37.25
N ALA A 313 -7.50 -27.73 37.55
CA ALA A 313 -6.88 -27.40 38.83
C ALA A 313 -6.38 -25.96 38.77
N GLY A 314 -6.27 -25.42 37.54
CA GLY A 314 -5.82 -24.03 37.31
C GLY A 314 -6.92 -23.17 36.73
N ASP A 315 -6.71 -21.85 36.77
CA ASP A 315 -7.70 -20.92 36.23
C ASP A 315 -7.07 -20.17 35.04
N LEU A 316 -6.51 -20.94 34.10
CA LEU A 316 -5.89 -20.39 32.88
C LEU A 316 -6.96 -20.36 31.78
N GLU A 317 -7.18 -19.16 31.21
CA GLU A 317 -8.18 -18.96 30.13
C GLU A 317 -7.50 -18.50 28.85
N ILE A 318 -8.22 -18.70 27.74
CA ILE A 318 -7.77 -18.31 26.42
C ILE A 318 -7.35 -16.84 26.47
N ASP A 319 -6.19 -16.51 25.89
CA ASP A 319 -5.75 -15.12 25.75
C ASP A 319 -6.35 -14.64 24.44
N GLU A 320 -7.51 -13.98 24.53
CA GLU A 320 -8.27 -13.48 23.37
C GLU A 320 -7.46 -12.44 22.58
N HIS A 321 -6.86 -11.48 23.29
CA HIS A 321 -6.06 -10.42 22.67
C HIS A 321 -5.08 -10.98 21.63
N ALA A 322 -4.25 -11.93 22.09
CA ALA A 322 -3.13 -12.56 21.34
C ALA A 322 -3.54 -13.13 19.97
N SER A 323 -4.83 -13.15 19.68
CA SER A 323 -5.41 -13.64 18.42
C SER A 323 -4.72 -13.04 17.17
N TYR A 324 -4.32 -11.78 17.27
CA TYR A 324 -3.70 -11.05 16.16
C TYR A 324 -2.43 -11.76 15.69
N ILE A 325 -1.87 -12.62 16.56
CA ILE A 325 -0.64 -13.37 16.23
C ILE A 325 -0.96 -14.40 15.13
N VAL A 326 -2.12 -15.03 15.24
CA VAL A 326 -2.58 -16.04 14.30
C VAL A 326 -3.01 -15.35 13.01
N ASP A 327 -3.53 -14.12 13.14
CA ASP A 327 -3.89 -13.36 11.94
C ASP A 327 -2.62 -13.19 11.08
N LEU A 328 -1.53 -12.80 11.73
CA LEU A 328 -0.26 -12.56 11.07
C LEU A 328 0.30 -13.88 10.51
N ALA A 329 0.27 -14.93 11.33
CA ALA A 329 0.80 -16.21 10.91
C ALA A 329 -0.03 -16.76 9.73
N THR A 330 -1.35 -16.64 9.80
CA THR A 330 -2.18 -17.16 8.69
C THR A 330 -1.99 -16.29 7.45
N ALA A 331 -1.77 -14.99 7.65
CA ALA A 331 -1.58 -14.10 6.53
C ALA A 331 -0.38 -14.59 5.71
N ILE A 332 0.71 -14.91 6.41
CA ILE A 332 1.92 -15.40 5.80
C ILE A 332 1.66 -16.78 5.18
N ALA A 333 1.19 -17.70 6.03
CA ALA A 333 0.96 -19.09 5.67
C ALA A 333 -0.01 -19.25 4.48
N PHE A 334 -1.09 -18.46 4.45
CA PHE A 334 -2.13 -18.65 3.38
C PHE A 334 -2.18 -17.46 2.41
N ASN A 335 -1.17 -16.59 2.46
CA ASN A 335 -1.08 -15.48 1.53
C ASN A 335 -2.39 -14.69 1.44
N THR A 336 -2.96 -14.31 2.59
CA THR A 336 -4.29 -13.67 2.68
C THR A 336 -4.30 -12.19 2.32
N GLN A 337 -3.14 -11.51 2.35
CA GLN A 337 -3.07 -10.07 2.05
C GLN A 337 -3.78 -9.26 3.16
N GLU A 338 -3.98 -9.86 4.32
CA GLU A 338 -4.62 -9.13 5.37
C GLU A 338 -3.85 -7.84 5.69
N ARG A 339 -4.59 -6.76 5.94
CA ARG A 339 -4.08 -5.46 6.22
C ARG A 339 -3.83 -5.29 7.72
N MSE A 340 -2.59 -4.97 8.09
CA MSE A 340 -2.24 -4.79 9.49
C MSE A 340 -1.04 -3.86 9.67
O MSE A 340 -0.26 -3.63 8.75
CB MSE A 340 -2.03 -6.12 10.16
CG MSE A 340 -1.05 -7.09 9.54
SE MSE A 340 -1.31 -8.90 10.35
CE MSE A 340 -2.47 -9.59 8.96
N LEU A 341 -0.95 -3.30 10.88
CA LEU A 341 0.13 -2.42 11.23
C LEU A 341 1.34 -3.24 11.63
N LEU A 342 2.44 -3.05 10.90
CA LEU A 342 3.69 -3.72 11.17
C LEU A 342 4.80 -2.67 11.22
N ILE A 343 5.93 -3.07 11.84
CA ILE A 343 7.08 -2.24 11.93
C ILE A 343 7.98 -2.65 10.78
N VAL A 344 8.24 -1.71 9.86
CA VAL A 344 9.03 -1.96 8.68
C VAL A 344 9.91 -0.76 8.36
N PRO A 345 10.97 -0.95 7.54
CA PRO A 345 11.77 0.18 7.09
C PRO A 345 10.85 1.15 6.33
N ASN A 346 11.02 2.44 6.54
CA ASN A 346 10.20 3.50 5.93
C ASN A 346 10.39 3.55 4.40
N ASN A 347 11.61 3.85 3.97
CA ASN A 347 12.03 3.88 2.56
C ASN A 347 10.98 4.51 1.65
N GLY A 348 10.54 5.72 1.97
CA GLY A 348 9.59 6.44 1.12
C GLY A 348 8.14 6.34 1.53
N ALA A 349 7.78 5.44 2.45
CA ALA A 349 6.34 5.29 2.76
C ALA A 349 5.83 6.61 3.37
N ILE A 350 6.59 7.12 4.33
CA ILE A 350 6.38 8.45 4.89
C ILE A 350 7.44 9.26 4.17
N HIS A 351 7.01 9.99 3.13
CA HIS A 351 7.93 10.62 2.19
C HIS A 351 8.86 11.65 2.81
N ASN A 352 8.36 12.46 3.75
CA ASN A 352 9.20 13.48 4.35
C ASN A 352 9.80 12.98 5.68
N PHE A 353 10.06 11.68 5.79
CA PHE A 353 10.69 11.16 7.01
C PHE A 353 11.83 10.22 6.59
N ASP A 354 12.83 10.09 7.46
CA ASP A 354 14.05 9.32 7.14
C ASP A 354 13.69 7.93 6.57
N ALA A 355 14.33 7.63 5.44
CA ALA A 355 14.17 6.37 4.74
C ALA A 355 14.62 5.18 5.60
N ASP A 356 15.64 5.38 6.43
CA ASP A 356 16.22 4.27 7.21
C ASP A 356 15.56 4.13 8.60
N ALA A 357 14.44 4.80 8.83
CA ALA A 357 13.72 4.68 10.09
C ALA A 357 12.75 3.49 10.07
N MSE A 358 12.59 2.85 11.23
CA MSE A 358 11.64 1.76 11.35
C MSE A 358 10.32 2.46 11.71
O MSE A 358 10.26 3.19 12.68
CB MSE A 358 12.06 0.82 12.47
CG MSE A 358 13.26 -0.09 12.15
SE MSE A 358 13.06 -1.01 10.40
CE MSE A 358 11.83 -2.46 10.82
N VAL A 359 9.26 2.24 10.90
CA VAL A 359 7.97 2.86 11.13
C VAL A 359 6.87 1.80 11.21
N GLU A 360 5.83 2.13 12.02
CA GLU A 360 4.63 1.34 12.22
C GLU A 360 3.57 1.87 11.27
N ILE A 361 3.30 1.12 10.19
CA ILE A 361 2.38 1.58 9.13
C ILE A 361 1.61 0.41 8.55
N PRO A 362 0.44 0.68 7.93
CA PRO A 362 -0.37 -0.38 7.33
C PRO A 362 0.43 -1.10 6.25
N CYS A 363 0.31 -2.43 6.20
CA CYS A 363 0.93 -3.29 5.24
C CYS A 363 -0.05 -4.40 4.89
N LEU A 364 0.05 -4.89 3.65
CA LEU A 364 -0.69 -6.04 3.22
C LEU A 364 0.24 -7.22 3.47
N VAL A 365 -0.23 -8.27 4.18
CA VAL A 365 0.69 -9.35 4.50
C VAL A 365 0.34 -10.61 3.71
N GLY A 366 1.37 -11.15 3.05
CA GLY A 366 1.27 -12.34 2.24
C GLY A 366 2.45 -13.26 2.51
N HIS A 367 2.64 -14.23 1.63
CA HIS A 367 3.64 -15.27 1.78
C HIS A 367 5.07 -14.70 1.70
N ASN A 368 5.23 -13.54 1.07
CA ASN A 368 6.54 -12.88 0.93
C ASN A 368 6.76 -11.88 2.06
N GLY A 369 5.83 -11.81 2.99
CA GLY A 369 5.95 -10.87 4.05
C GLY A 369 5.11 -9.64 3.76
N PRO A 370 5.43 -8.48 4.32
CA PRO A 370 4.63 -7.30 4.09
C PRO A 370 4.91 -6.53 2.80
N GLU A 371 3.84 -5.93 2.27
CA GLU A 371 3.89 -4.99 1.19
C GLU A 371 3.34 -3.70 1.80
N PRO A 372 4.19 -2.78 2.27
CA PRO A 372 3.67 -1.58 2.92
C PRO A 372 2.90 -0.63 2.00
N LEU A 373 1.94 0.11 2.57
N LEU A 373 1.90 0.06 2.56
CA LEU A 373 1.18 1.11 1.84
CA LEU A 373 1.17 1.11 1.82
C LEU A 373 1.82 2.48 2.07
C LEU A 373 1.93 2.43 2.01
N THR A 374 1.75 3.34 1.06
CA THR A 374 2.31 4.67 1.22
C THR A 374 1.49 5.40 2.28
N VAL A 375 2.10 6.40 2.90
CA VAL A 375 1.45 7.24 3.90
C VAL A 375 1.36 8.68 3.37
N GLY A 376 2.45 9.17 2.78
CA GLY A 376 2.51 10.56 2.30
C GLY A 376 3.37 11.42 3.25
N ASP A 377 3.18 12.73 3.19
CA ASP A 377 3.90 13.67 4.03
C ASP A 377 3.14 13.81 5.33
N ILE A 378 3.88 13.95 6.44
CA ILE A 378 3.28 14.10 7.75
C ILE A 378 3.52 15.52 8.25
N PRO A 379 2.65 16.03 9.14
CA PRO A 379 2.79 17.40 9.65
C PRO A 379 4.00 17.59 10.58
N HIS A 380 4.34 18.86 10.83
CA HIS A 380 5.47 19.24 11.64
C HIS A 380 5.39 18.73 13.08
N PHE A 381 4.20 18.74 13.68
CA PHE A 381 4.14 18.33 15.09
C PHE A 381 4.62 16.88 15.22
N GLN A 382 3.92 15.96 14.55
CA GLN A 382 4.30 14.56 14.60
C GLN A 382 5.72 14.35 14.07
N LYS A 383 6.09 15.08 13.02
CA LYS A 383 7.42 14.91 12.42
C LYS A 383 8.50 15.29 13.43
N GLY A 384 8.27 16.37 14.17
CA GLY A 384 9.23 16.82 15.18
C GLY A 384 9.39 15.78 16.28
N LEU A 385 8.25 15.29 16.77
CA LEU A 385 8.28 14.30 17.85
C LEU A 385 8.98 13.04 17.39
N MSE A 386 8.64 12.57 16.19
CA MSE A 386 9.20 11.31 15.71
C MSE A 386 10.68 11.45 15.36
O MSE A 386 11.46 10.50 15.55
CB MSE A 386 8.42 10.81 14.50
CG MSE A 386 6.99 10.40 14.85
SE MSE A 386 5.95 10.07 13.19
CE MSE A 386 7.18 8.73 12.44
N SER A 387 11.08 12.63 14.88
CA SER A 387 12.46 12.85 14.52
C SER A 387 13.34 12.80 15.78
N GLN A 388 12.82 13.35 16.89
CA GLN A 388 13.53 13.34 18.19
C GLN A 388 13.66 11.91 18.68
N GLN A 389 12.54 11.18 18.70
CA GLN A 389 12.52 9.85 19.27
C GLN A 389 13.30 8.87 18.40
N VAL A 390 13.22 8.99 17.07
CA VAL A 390 13.92 8.04 16.26
C VAL A 390 15.42 8.26 16.43
N ALA A 391 15.81 9.50 16.72
CA ALA A 391 17.20 9.77 16.96
C ALA A 391 17.64 9.06 18.25
N VAL A 392 16.74 9.05 19.24
CA VAL A 392 17.04 8.37 20.49
C VAL A 392 17.34 6.89 20.20
N GLU A 393 16.42 6.24 19.48
CA GLU A 393 16.49 4.79 19.18
C GLU A 393 17.74 4.47 18.35
N LYS A 394 18.06 5.34 17.40
CA LYS A 394 19.23 5.08 16.56
C LYS A 394 20.53 5.25 17.36
N LEU A 395 20.53 6.17 18.32
CA LEU A 395 21.73 6.35 19.15
C LEU A 395 21.91 5.16 20.10
N VAL A 396 20.79 4.54 20.50
CA VAL A 396 20.89 3.40 21.39
C VAL A 396 21.55 2.24 20.62
N VAL A 397 21.07 1.99 19.40
CA VAL A 397 21.65 0.92 18.62
C VAL A 397 23.10 1.28 18.25
N ASP A 398 23.36 2.58 18.08
CA ASP A 398 24.74 3.00 17.84
C ASP A 398 25.60 2.65 19.06
N ALA A 399 25.07 2.90 20.26
CA ALA A 399 25.81 2.64 21.50
C ALA A 399 26.09 1.15 21.63
N TRP A 400 25.09 0.34 21.26
CA TRP A 400 25.20 -1.11 21.33
C TRP A 400 26.28 -1.60 20.35
N GLU A 401 26.15 -1.20 19.08
CA GLU A 401 27.05 -1.63 18.01
C GLU A 401 28.50 -1.22 18.24
N GLN A 402 28.70 0.07 18.54
CA GLN A 402 30.01 0.66 18.71
C GLN A 402 30.52 0.54 20.15
N ARG A 403 29.70 -0.05 21.05
CA ARG A 403 30.11 -0.20 22.47
C ARG A 403 30.52 1.17 23.00
N SER A 404 29.65 2.16 22.78
CA SER A 404 29.95 3.54 23.13
C SER A 404 29.10 4.09 24.28
N TYR A 405 29.79 4.50 25.34
CA TYR A 405 29.15 5.13 26.46
C TYR A 405 28.56 6.46 25.99
N HIS A 406 29.31 7.15 25.14
CA HIS A 406 28.94 8.49 24.77
C HIS A 406 27.67 8.50 23.90
N LYS A 407 27.48 7.47 23.08
CA LYS A 407 26.28 7.45 22.23
C LYS A 407 25.01 7.26 23.08
N LEU A 408 25.11 6.44 24.12
CA LEU A 408 23.96 6.16 24.98
C LEU A 408 23.62 7.40 25.83
N TRP A 409 24.65 8.13 26.25
CA TRP A 409 24.40 9.39 26.98
C TRP A 409 23.66 10.36 26.05
N GLN A 410 24.08 10.39 24.78
CA GLN A 410 23.42 11.27 23.81
C GLN A 410 21.94 10.88 23.71
N ALA A 411 21.71 9.57 23.55
CA ALA A 411 20.40 9.00 23.39
C ALA A 411 19.48 9.42 24.54
N ILE A 412 19.91 9.14 25.76
CA ILE A 412 19.12 9.47 26.94
C ILE A 412 18.92 10.99 27.02
N THR A 413 19.94 11.76 26.65
CA THR A 413 19.84 13.22 26.69
C THR A 413 18.77 13.73 25.72
N LEU A 414 18.55 13.01 24.63
CA LEU A 414 17.66 13.46 23.57
C LEU A 414 16.20 13.18 23.94
N SER A 415 15.96 12.17 24.78
CA SER A 415 14.59 11.76 25.13
C SER A 415 13.77 12.91 25.69
N LYS A 416 12.51 12.98 25.23
CA LYS A 416 11.58 13.99 25.68
C LYS A 416 11.22 13.75 27.16
N THR A 417 11.53 12.55 27.68
CA THR A 417 11.22 12.19 29.04
C THR A 417 12.29 12.68 30.02
N VAL A 418 13.48 13.02 29.50
CA VAL A 418 14.65 13.40 30.29
C VAL A 418 14.83 14.93 30.30
N PRO A 419 14.88 15.55 31.49
CA PRO A 419 14.95 17.00 31.59
C PRO A 419 16.29 17.65 31.21
N SER A 420 17.40 16.91 31.26
CA SER A 420 18.66 17.57 30.97
C SER A 420 19.76 16.53 30.75
N ALA A 421 20.87 17.04 30.16
CA ALA A 421 22.03 16.19 29.92
C ALA A 421 22.63 15.71 31.25
N SER A 422 22.59 16.56 32.31
CA SER A 422 23.17 16.18 33.62
C SER A 422 22.35 15.05 34.25
N VAL A 423 21.02 15.16 34.22
CA VAL A 423 20.19 14.10 34.78
C VAL A 423 20.35 12.83 33.93
N ALA A 424 20.51 13.01 32.62
CA ALA A 424 20.67 11.89 31.71
C ALA A 424 21.92 11.06 32.06
N LYS A 425 23.01 11.75 32.39
CA LYS A 425 24.29 11.11 32.71
C LYS A 425 24.19 10.37 34.05
N ALA A 426 23.45 10.95 34.99
CA ALA A 426 23.29 10.31 36.30
C ALA A 426 22.50 9.01 36.15
N ILE A 427 21.44 9.05 35.33
CA ILE A 427 20.59 7.88 35.12
C ILE A 427 21.43 6.81 34.41
N LEU A 428 22.20 7.23 33.41
CA LEU A 428 23.02 6.32 32.65
C LEU A 428 23.98 5.56 33.57
N ASP A 429 24.65 6.26 34.48
CA ASP A 429 25.64 5.63 35.35
C ASP A 429 24.95 4.58 36.24
N ASP A 430 23.71 4.84 36.66
CA ASP A 430 22.98 3.89 37.50
C ASP A 430 22.52 2.70 36.66
N LEU A 431 22.11 2.93 35.41
CA LEU A 431 21.65 1.84 34.56
C LEU A 431 22.82 0.91 34.23
N ILE A 432 23.99 1.48 33.96
CA ILE A 432 25.17 0.69 33.66
C ILE A 432 25.44 -0.25 34.85
N ALA A 433 25.44 0.31 36.07
CA ALA A 433 25.73 -0.46 37.27
C ALA A 433 24.74 -1.62 37.40
N ALA A 434 23.45 -1.35 37.16
CA ALA A 434 22.40 -2.35 37.33
C ALA A 434 22.38 -3.39 36.21
N ASN A 435 22.87 -3.05 35.01
CA ASN A 435 22.76 -3.99 33.90
C ASN A 435 24.10 -4.68 33.58
N LYS A 436 25.02 -4.74 34.53
CA LYS A 436 26.37 -5.33 34.30
C LYS A 436 26.35 -6.73 33.66
N ASP A 437 25.33 -7.54 33.91
CA ASP A 437 25.38 -8.90 33.37
C ASP A 437 24.56 -9.04 32.07
N TYR A 438 24.11 -7.93 31.47
CA TYR A 438 23.25 -8.07 30.27
C TYR A 438 23.73 -7.19 29.11
N TRP A 439 24.18 -5.97 29.42
CA TRP A 439 24.64 -5.02 28.41
C TRP A 439 26.05 -5.38 27.96
N PRO A 440 26.45 -5.09 26.71
CA PRO A 440 27.85 -5.23 26.34
C PRO A 440 28.54 -4.12 27.14
N GLU A 441 29.88 -4.12 27.15
CA GLU A 441 30.62 -3.08 27.87
C GLU A 441 30.62 -1.80 27.01
N LEU A 442 30.54 -0.64 27.66
CA LEU A 442 30.53 0.67 26.98
C LEU A 442 31.84 1.40 27.28
N HIS A 443 32.55 1.85 26.23
CA HIS A 443 33.85 2.52 26.34
C HIS A 443 33.72 4.01 26.03
N MSE B 4 -28.30 -2.23 -2.80
CA MSE B 4 -27.28 -1.21 -3.22
C MSE B 4 -27.99 0.01 -3.81
O MSE B 4 -29.20 -0.02 -4.04
CB MSE B 4 -26.28 -1.82 -4.21
CG MSE B 4 -26.93 -2.44 -5.45
SE MSE B 4 -25.57 -3.12 -6.72
CE MSE B 4 -24.47 -4.22 -5.49
N LYS B 5 -27.22 1.08 -4.03
CA LYS B 5 -27.74 2.33 -4.58
C LYS B 5 -27.37 2.43 -6.06
N LYS B 6 -27.98 3.41 -6.74
CA LYS B 6 -27.76 3.72 -8.17
C LYS B 6 -26.81 4.92 -8.29
N PHE B 7 -26.18 5.05 -9.45
CA PHE B 7 -25.18 6.11 -9.68
C PHE B 7 -25.46 6.89 -10.98
N SER B 8 -25.22 8.20 -10.91
CA SER B 8 -25.39 9.09 -12.04
C SER B 8 -24.03 9.24 -12.74
N VAL B 9 -23.97 8.83 -14.02
CA VAL B 9 -22.75 8.91 -14.83
C VAL B 9 -22.96 9.84 -16.02
N VAL B 10 -21.91 10.60 -16.35
CA VAL B 10 -21.93 11.44 -17.53
C VAL B 10 -20.68 11.09 -18.33
N ILE B 11 -20.88 10.78 -19.61
CA ILE B 11 -19.77 10.49 -20.51
C ILE B 11 -19.41 11.75 -21.29
N ALA B 12 -18.16 12.21 -21.12
CA ALA B 12 -17.60 13.33 -21.84
C ALA B 12 -16.85 12.74 -23.04
N GLY B 13 -17.33 13.08 -24.23
CA GLY B 13 -16.86 12.51 -25.47
C GLY B 13 -17.97 11.67 -26.07
N GLY B 14 -19.21 12.17 -25.91
CA GLY B 14 -20.41 11.55 -26.38
C GLY B 14 -20.32 11.17 -27.84
N GLY B 15 -19.66 12.02 -28.64
CA GLY B 15 -19.51 11.82 -30.10
C GLY B 15 -18.45 10.78 -30.47
N SER B 16 -17.86 10.11 -29.48
CA SER B 16 -16.81 9.12 -29.73
C SER B 16 -17.36 7.82 -30.36
N THR B 17 -16.52 7.19 -31.19
CA THR B 17 -16.85 5.93 -31.83
C THR B 17 -16.88 4.82 -30.78
N PHE B 18 -16.19 5.05 -29.66
CA PHE B 18 -16.13 4.06 -28.59
C PHE B 18 -17.37 4.14 -27.69
N THR B 19 -17.96 5.34 -27.58
CA THR B 19 -19.12 5.58 -26.70
C THR B 19 -20.12 4.42 -26.74
N PRO B 20 -20.62 4.00 -27.92
CA PRO B 20 -21.62 2.92 -27.96
C PRO B 20 -21.15 1.62 -27.28
N GLY B 21 -19.89 1.24 -27.53
CA GLY B 21 -19.28 0.02 -26.97
C GLY B 21 -19.15 0.09 -25.45
N ILE B 22 -18.96 1.31 -24.96
CA ILE B 22 -18.85 1.52 -23.53
C ILE B 22 -20.25 1.44 -22.91
N VAL B 23 -21.22 2.08 -23.54
CA VAL B 23 -22.59 2.07 -23.03
C VAL B 23 -23.05 0.61 -22.93
N LEU B 24 -22.73 -0.18 -23.97
CA LEU B 24 -23.13 -1.61 -24.01
C LEU B 24 -22.46 -2.37 -22.87
N MSE B 25 -21.19 -2.04 -22.62
CA MSE B 25 -20.45 -2.67 -21.55
C MSE B 25 -21.14 -2.39 -20.22
O MSE B 25 -21.40 -3.30 -19.44
CB MSE B 25 -19.01 -2.19 -21.65
CG MSE B 25 -18.07 -2.96 -20.73
SE MSE B 25 -18.18 -2.08 -18.99
CE MSE B 25 -17.32 -0.39 -19.50
N LEU B 26 -21.48 -1.10 -19.99
CA LEU B 26 -22.14 -0.68 -18.77
C LEU B 26 -23.47 -1.43 -18.53
N LEU B 27 -24.14 -1.84 -19.62
CA LEU B 27 -25.45 -2.54 -19.52
C LEU B 27 -25.27 -3.99 -19.05
N ALA B 28 -24.13 -4.59 -19.38
CA ALA B 28 -23.83 -5.96 -18.97
C ALA B 28 -23.26 -5.96 -17.54
N ASN B 29 -23.26 -4.79 -16.89
CA ASN B 29 -22.72 -4.67 -15.54
C ASN B 29 -23.68 -3.90 -14.62
N GLN B 30 -24.99 -4.12 -14.78
N GLN B 30 -24.99 -4.04 -14.87
CA GLN B 30 -26.00 -3.50 -13.91
CA GLN B 30 -26.04 -3.38 -14.09
C GLN B 30 -26.14 -4.34 -12.63
C GLN B 30 -26.07 -3.98 -12.68
N ASP B 31 -25.64 -5.58 -12.71
N ASP B 31 -25.94 -5.31 -12.63
CA ASP B 31 -25.66 -6.54 -11.61
CA ASP B 31 -25.99 -6.05 -11.38
C ASP B 31 -24.72 -6.10 -10.47
C ASP B 31 -24.93 -5.50 -10.40
N ARG B 32 -23.67 -5.35 -10.84
CA ARG B 32 -22.64 -4.87 -9.89
C ARG B 32 -22.51 -3.34 -9.90
N PHE B 33 -23.07 -2.67 -10.92
CA PHE B 33 -22.97 -1.19 -11.00
C PHE B 33 -24.20 -0.62 -11.70
N PRO B 34 -25.33 -0.48 -10.98
CA PRO B 34 -26.57 0.06 -11.57
C PRO B 34 -26.59 1.59 -11.68
N LEU B 35 -27.27 2.09 -12.72
CA LEU B 35 -27.35 3.52 -13.00
C LEU B 35 -28.80 4.03 -12.85
N ARG B 36 -28.93 5.26 -12.33
CA ARG B 36 -30.22 5.94 -12.24
C ARG B 36 -30.27 7.01 -13.33
N SER B 37 -29.07 7.40 -13.82
CA SER B 37 -28.96 8.43 -14.84
C SER B 37 -27.63 8.33 -15.60
N LEU B 38 -27.75 8.38 -16.93
CA LEU B 38 -26.64 8.39 -17.86
C LEU B 38 -26.81 9.61 -18.77
N LYS B 39 -25.74 10.36 -18.97
CA LYS B 39 -25.76 11.56 -19.80
C LYS B 39 -24.51 11.60 -20.67
N PHE B 40 -24.62 12.33 -21.78
CA PHE B 40 -23.57 12.52 -22.76
C PHE B 40 -23.27 14.01 -22.89
N TYR B 41 -22.00 14.39 -22.80
CA TYR B 41 -21.57 15.77 -23.03
C TYR B 41 -20.52 15.77 -24.13
N ASP B 42 -20.48 16.85 -24.91
CA ASP B 42 -19.55 17.01 -26.01
C ASP B 42 -19.66 18.47 -26.48
N ASN B 43 -18.60 18.99 -27.11
CA ASN B 43 -18.63 20.37 -27.63
C ASN B 43 -19.05 20.30 -29.12
N ASP B 44 -19.05 19.09 -29.67
CA ASP B 44 -19.46 18.79 -31.05
C ASP B 44 -20.83 18.10 -30.98
N GLY B 45 -21.87 18.91 -30.72
CA GLY B 45 -23.25 18.44 -30.55
C GLY B 45 -23.82 17.69 -31.75
N ALA B 46 -23.31 17.98 -32.95
CA ALA B 46 -23.81 17.35 -34.19
C ALA B 46 -23.38 15.87 -34.26
N ARG B 47 -22.07 15.62 -34.11
CA ARG B 47 -21.50 14.27 -34.15
C ARG B 47 -22.09 13.43 -33.00
N GLN B 48 -22.46 14.10 -31.90
CA GLN B 48 -23.00 13.46 -30.70
C GLN B 48 -24.49 13.11 -30.86
N GLU B 49 -25.24 13.94 -31.60
CA GLU B 49 -26.69 13.72 -31.76
C GLU B 49 -26.94 12.30 -32.29
N THR B 50 -26.09 11.86 -33.23
CA THR B 50 -26.20 10.52 -33.81
C THR B 50 -25.98 9.45 -32.74
N ILE B 51 -24.79 9.46 -32.13
CA ILE B 51 -24.41 8.51 -31.09
C ILE B 51 -25.48 8.45 -29.97
N ALA B 52 -25.98 9.63 -29.58
CA ALA B 52 -26.95 9.79 -28.47
C ALA B 52 -28.31 9.16 -28.79
N GLU B 53 -28.83 9.42 -29.99
CA GLU B 53 -30.15 8.89 -30.38
C GLU B 53 -30.08 7.35 -30.48
N ALA B 54 -28.95 6.83 -31.00
CA ALA B 54 -28.77 5.39 -31.11
C ALA B 54 -28.72 4.76 -29.71
N CYS B 55 -27.96 5.40 -28.81
CA CYS B 55 -27.84 4.90 -27.44
C CYS B 55 -29.17 5.05 -26.71
N LYS B 56 -29.98 6.07 -27.04
CA LYS B 56 -31.29 6.26 -26.38
C LYS B 56 -32.20 5.05 -26.65
N VAL B 57 -32.09 4.48 -27.85
CA VAL B 57 -32.86 3.31 -28.23
C VAL B 57 -32.38 2.13 -27.38
N ILE B 58 -31.10 1.79 -27.51
CA ILE B 58 -30.48 0.67 -26.80
C ILE B 58 -30.86 0.71 -25.31
N LEU B 59 -30.72 1.89 -24.70
CA LEU B 59 -30.98 2.10 -23.26
C LEU B 59 -32.46 1.87 -22.92
N LYS B 60 -33.36 2.11 -23.87
CA LYS B 60 -34.79 1.90 -23.58
C LYS B 60 -35.11 0.40 -23.68
N GLU B 61 -34.35 -0.30 -24.54
CA GLU B 61 -34.57 -1.73 -24.80
C GLU B 61 -33.93 -2.61 -23.72
N GLN B 62 -33.08 -2.03 -22.86
CA GLN B 62 -32.44 -2.86 -21.83
C GLN B 62 -32.53 -2.23 -20.44
N ALA B 63 -32.87 -0.93 -20.37
CA ALA B 63 -32.92 -0.26 -19.06
C ALA B 63 -33.71 1.05 -19.16
N PRO B 64 -35.04 1.00 -19.41
CA PRO B 64 -35.85 2.22 -19.53
C PRO B 64 -35.95 3.03 -18.22
N GLU B 65 -35.53 2.41 -17.11
CA GLU B 65 -35.56 3.09 -15.80
C GLU B 65 -34.38 4.06 -15.71
N ILE B 66 -33.38 3.89 -16.59
CA ILE B 66 -32.23 4.79 -16.62
C ILE B 66 -32.63 6.00 -17.47
N GLU B 67 -32.72 7.17 -16.82
CA GLU B 67 -33.06 8.39 -17.54
C GLU B 67 -31.79 8.96 -18.19
N PHE B 68 -31.85 9.05 -19.51
CA PHE B 68 -30.79 9.47 -20.39
C PHE B 68 -31.03 10.92 -20.87
N SER B 69 -29.98 11.54 -21.41
CA SER B 69 -30.00 12.92 -21.96
C SER B 69 -28.58 13.24 -22.47
N TYR B 70 -28.50 14.03 -23.53
CA TYR B 70 -27.23 14.47 -24.11
C TYR B 70 -27.26 16.01 -24.16
N THR B 71 -26.08 16.65 -24.25
CA THR B 71 -26.04 18.12 -24.29
C THR B 71 -24.63 18.64 -24.59
N THR B 72 -24.58 19.93 -24.94
CA THR B 72 -23.33 20.67 -25.20
C THR B 72 -23.14 21.72 -24.09
N ASP B 73 -24.18 21.85 -23.25
CA ASP B 73 -24.21 22.80 -22.13
C ASP B 73 -23.46 22.19 -20.95
N PRO B 74 -22.38 22.85 -20.44
CA PRO B 74 -21.61 22.32 -19.32
C PRO B 74 -22.37 22.18 -17.99
N GLN B 75 -23.33 23.08 -17.75
CA GLN B 75 -24.08 23.06 -16.48
C GLN B 75 -25.04 21.86 -16.46
N ALA B 76 -25.70 21.62 -17.59
CA ALA B 76 -26.68 20.54 -17.69
C ALA B 76 -25.97 19.18 -17.63
N ALA B 77 -24.78 19.12 -18.22
CA ALA B 77 -24.02 17.88 -18.34
C ALA B 77 -23.39 17.42 -17.01
N PHE B 78 -22.80 18.34 -16.25
CA PHE B 78 -22.02 17.96 -15.05
C PHE B 78 -22.75 18.27 -13.74
N THR B 79 -24.05 18.58 -13.81
CA THR B 79 -24.81 18.78 -12.59
C THR B 79 -25.36 17.42 -12.15
N ASP B 80 -25.30 17.15 -10.83
CA ASP B 80 -25.86 15.92 -10.20
C ASP B 80 -25.25 14.63 -10.77
N VAL B 81 -23.92 14.51 -10.74
CA VAL B 81 -23.24 13.30 -11.26
C VAL B 81 -22.26 12.77 -10.22
N ASP B 82 -22.03 11.46 -10.27
CA ASP B 82 -21.11 10.80 -9.36
C ASP B 82 -19.81 10.51 -10.08
N PHE B 83 -19.92 10.25 -11.39
CA PHE B 83 -18.76 9.95 -12.19
C PHE B 83 -18.84 10.59 -13.57
N VAL B 84 -17.65 10.98 -14.05
CA VAL B 84 -17.40 11.52 -15.36
C VAL B 84 -16.49 10.53 -16.06
N MSE B 85 -16.90 10.03 -17.22
CA MSE B 85 -16.09 9.09 -17.98
C MSE B 85 -15.68 9.93 -19.19
O MSE B 85 -16.51 10.35 -19.99
CB MSE B 85 -16.86 7.83 -18.30
CG MSE B 85 -17.27 7.16 -16.99
SE MSE B 85 -18.08 5.41 -17.38
CE MSE B 85 -18.48 4.88 -15.52
N ALA B 86 -14.37 10.18 -19.30
CA ALA B 86 -13.85 11.04 -20.34
C ALA B 86 -12.95 10.28 -21.31
N HIS B 87 -13.24 10.43 -22.59
CA HIS B 87 -12.44 9.88 -23.69
C HIS B 87 -12.61 10.78 -24.92
N ILE B 88 -12.27 12.07 -24.73
CA ILE B 88 -12.29 13.08 -25.78
C ILE B 88 -10.94 13.00 -26.52
N ARG B 89 -11.01 13.20 -27.83
CA ARG B 89 -9.84 13.18 -28.68
C ARG B 89 -9.78 14.51 -29.43
N VAL B 90 -9.18 15.52 -28.78
CA VAL B 90 -9.06 16.84 -29.36
C VAL B 90 -8.26 16.70 -30.66
N GLY B 91 -8.87 17.15 -31.76
CA GLY B 91 -8.26 17.04 -33.08
C GLY B 91 -8.82 15.86 -33.86
N LYS B 92 -9.45 14.93 -33.13
CA LYS B 92 -10.08 13.75 -33.73
C LYS B 92 -9.03 12.94 -34.50
N TYR B 93 -9.46 12.05 -35.40
CA TYR B 93 -8.54 11.16 -36.14
C TYR B 93 -7.75 11.92 -37.21
N PRO B 94 -8.27 12.98 -37.86
CA PRO B 94 -7.48 13.72 -38.84
C PRO B 94 -6.18 14.23 -38.22
N MSE B 95 -6.27 14.82 -37.02
CA MSE B 95 -5.07 15.30 -36.34
C MSE B 95 -4.19 14.12 -35.89
O MSE B 95 -2.98 14.30 -35.73
CB MSE B 95 -5.35 16.20 -35.15
CG MSE B 95 -5.82 17.60 -35.56
SE MSE B 95 -4.66 18.48 -36.90
CE MSE B 95 -2.85 18.15 -36.20
N ARG B 96 -4.80 12.94 -35.69
CA ARG B 96 -4.03 11.76 -35.33
C ARG B 96 -3.18 11.30 -36.52
N GLU B 97 -3.73 11.44 -37.73
CA GLU B 97 -3.03 11.05 -38.96
C GLU B 97 -1.74 11.89 -39.10
N GLN B 98 -1.84 13.20 -38.82
CA GLN B 98 -0.69 14.10 -38.91
C GLN B 98 0.35 13.71 -37.85
N ASP B 99 -0.13 13.34 -36.66
CA ASP B 99 0.75 12.92 -35.54
C ASP B 99 1.62 11.73 -35.97
N GLU B 100 1.03 10.84 -36.78
CA GLU B 100 1.67 9.59 -37.22
C GLU B 100 2.55 9.79 -38.45
N LYS B 101 2.23 10.79 -39.30
CA LYS B 101 2.97 10.94 -40.60
C LYS B 101 4.04 12.05 -40.57
N ILE B 102 3.78 13.17 -39.89
CA ILE B 102 4.77 14.25 -39.84
C ILE B 102 6.14 13.74 -39.37
N PRO B 103 6.24 12.97 -38.25
CA PRO B 103 7.54 12.47 -37.82
C PRO B 103 8.20 11.50 -38.82
N LEU B 104 7.38 10.68 -39.49
CA LEU B 104 7.92 9.71 -40.49
C LEU B 104 8.60 10.45 -41.65
N ARG B 105 8.14 11.68 -41.91
CA ARG B 105 8.72 12.52 -42.97
C ARG B 105 10.18 12.86 -42.62
N HIS B 106 10.53 12.74 -41.33
CA HIS B 106 11.89 13.04 -40.83
C HIS B 106 12.57 11.76 -40.33
N GLY B 107 12.00 10.59 -40.66
CA GLY B 107 12.58 9.32 -40.28
C GLY B 107 12.44 9.01 -38.81
N VAL B 108 11.41 9.57 -38.15
CA VAL B 108 11.14 9.30 -36.75
C VAL B 108 9.77 8.61 -36.65
N LEU B 109 9.65 7.66 -35.69
CA LEU B 109 8.41 6.91 -35.57
C LEU B 109 7.24 7.86 -35.26
N GLY B 110 6.07 7.53 -35.83
CA GLY B 110 4.82 8.30 -35.66
C GLY B 110 3.75 7.45 -34.98
N GLN B 111 3.38 7.82 -33.76
CA GLN B 111 2.45 6.98 -33.02
C GLN B 111 1.53 7.87 -32.17
N GLU B 112 0.35 7.33 -31.86
CA GLU B 112 -0.70 8.03 -31.15
C GLU B 112 -0.21 8.70 -29.86
N THR B 113 0.57 7.98 -29.04
CA THR B 113 0.93 8.52 -27.73
C THR B 113 2.44 8.57 -27.49
N CYS B 114 3.22 7.96 -28.38
CA CYS B 114 4.66 7.89 -28.20
C CYS B 114 5.37 8.66 -29.30
N GLY B 115 6.53 9.21 -28.93
CA GLY B 115 7.34 9.96 -29.84
C GLY B 115 6.75 11.34 -30.08
N PRO B 116 7.23 12.06 -31.10
CA PRO B 116 6.74 13.42 -31.39
C PRO B 116 5.23 13.46 -31.62
N GLY B 117 4.68 12.37 -32.17
CA GLY B 117 3.24 12.33 -32.42
C GLY B 117 2.46 12.42 -31.13
N GLY B 118 2.89 11.63 -30.13
CA GLY B 118 2.24 11.61 -28.84
C GLY B 118 2.38 12.96 -28.15
N ILE B 119 3.56 13.56 -28.33
CA ILE B 119 3.84 14.87 -27.76
C ILE B 119 2.83 15.88 -28.35
N ALA B 120 2.61 15.81 -29.66
CA ALA B 120 1.65 16.73 -30.31
C ALA B 120 0.24 16.49 -29.75
N TYR B 121 -0.15 15.22 -29.62
CA TYR B 121 -1.46 14.90 -29.13
C TYR B 121 -1.60 15.45 -27.70
N GLY B 122 -0.54 15.29 -26.90
CA GLY B 122 -0.57 15.80 -25.54
C GLY B 122 -0.78 17.31 -25.51
N MSE B 123 -0.05 18.02 -26.38
CA MSE B 123 -0.16 19.47 -26.43
C MSE B 123 -1.58 19.93 -26.79
O MSE B 123 -2.00 21.00 -26.37
CB MSE B 123 0.80 20.12 -27.45
CG MSE B 123 2.27 20.12 -27.04
SE MSE B 123 2.62 21.48 -25.67
CE MSE B 123 2.31 23.20 -26.56
N ARG B 124 -2.33 19.12 -27.56
CA ARG B 124 -3.67 19.55 -27.91
C ARG B 124 -4.66 19.21 -26.79
N SER B 125 -4.33 18.19 -26.00
CA SER B 125 -5.30 17.65 -25.06
C SER B 125 -5.33 18.37 -23.70
N ILE B 126 -4.22 19.03 -23.30
CA ILE B 126 -4.17 19.61 -21.95
C ILE B 126 -5.32 20.62 -21.71
N GLY B 127 -5.53 21.54 -22.65
CA GLY B 127 -6.56 22.56 -22.49
C GLY B 127 -7.91 21.96 -22.17
N GLY B 128 -8.34 21.04 -23.05
CA GLY B 128 -9.64 20.39 -22.97
C GLY B 128 -9.88 19.70 -21.64
N VAL B 129 -8.87 18.98 -21.16
CA VAL B 129 -8.99 18.22 -19.93
C VAL B 129 -9.18 19.19 -18.75
N LEU B 130 -8.44 20.30 -18.77
CA LEU B 130 -8.54 21.27 -17.68
C LEU B 130 -9.95 21.86 -17.64
N GLU B 131 -10.63 21.98 -18.79
CA GLU B 131 -11.98 22.54 -18.83
C GLU B 131 -12.96 21.57 -18.16
N LEU B 132 -12.81 20.28 -18.48
CA LEU B 132 -13.72 19.29 -17.93
C LEU B 132 -13.57 19.21 -16.42
N VAL B 133 -12.32 19.26 -15.93
CA VAL B 133 -12.09 19.16 -14.49
C VAL B 133 -12.77 20.35 -13.81
N ASP B 134 -12.65 21.54 -14.43
CA ASP B 134 -13.22 22.75 -13.85
C ASP B 134 -14.76 22.69 -13.87
N TYR B 135 -15.33 22.10 -14.93
CA TYR B 135 -16.79 21.97 -14.99
C TYR B 135 -17.28 21.07 -13.86
N MSE B 136 -16.65 19.90 -13.74
CA MSE B 136 -17.04 18.92 -12.74
C MSE B 136 -17.04 19.52 -11.33
O MSE B 136 -18.06 19.48 -10.65
CB MSE B 136 -16.12 17.68 -12.81
CG MSE B 136 -16.34 16.71 -11.65
SE MSE B 136 -15.29 15.05 -11.87
CE MSE B 136 -13.60 15.83 -11.23
N GLU B 137 -15.90 20.10 -10.94
CA GLU B 137 -15.75 20.65 -9.60
C GLU B 137 -16.76 21.79 -9.32
N LYS B 138 -17.20 22.48 -10.36
CA LYS B 138 -18.12 23.61 -10.16
C LYS B 138 -19.56 23.11 -10.00
N TYR B 139 -19.92 22.07 -10.78
CA TYR B 139 -21.30 21.56 -10.83
C TYR B 139 -21.51 20.30 -9.95
N SER B 140 -20.45 19.52 -9.71
CA SER B 140 -20.54 18.33 -8.88
C SER B 140 -19.22 18.14 -8.14
N PRO B 141 -18.91 19.05 -7.19
CA PRO B 141 -17.63 19.01 -6.48
C PRO B 141 -17.28 17.66 -5.82
N ASN B 142 -18.28 16.79 -5.65
CA ASN B 142 -18.10 15.48 -5.00
C ASN B 142 -17.84 14.35 -6.03
N ALA B 143 -18.03 14.65 -7.32
CA ALA B 143 -17.86 13.63 -8.38
C ALA B 143 -16.39 13.27 -8.61
N TRP B 144 -16.18 12.10 -9.24
CA TRP B 144 -14.85 11.59 -9.66
C TRP B 144 -14.79 11.49 -11.18
N MSE B 145 -13.66 11.92 -11.76
CA MSE B 145 -13.48 11.81 -13.20
C MSE B 145 -12.58 10.62 -13.48
O MSE B 145 -11.49 10.52 -12.90
CB MSE B 145 -12.80 13.04 -13.77
CG MSE B 145 -12.56 12.85 -15.27
SE MSE B 145 -11.97 14.54 -16.12
CE MSE B 145 -13.34 15.79 -15.51
N LEU B 146 -13.06 9.71 -14.32
CA LEU B 146 -12.28 8.55 -14.73
C LEU B 146 -11.75 8.88 -16.13
N ASN B 147 -10.46 9.19 -16.21
CA ASN B 147 -9.82 9.58 -17.46
C ASN B 147 -9.07 8.39 -18.05
N TYR B 148 -9.58 7.88 -19.18
CA TYR B 148 -8.94 6.80 -19.94
C TYR B 148 -8.58 7.37 -21.32
N SER B 149 -8.34 8.69 -21.31
CA SER B 149 -7.92 9.44 -22.48
C SER B 149 -6.39 9.43 -22.50
N ASN B 150 -5.83 9.54 -23.71
CA ASN B 150 -4.40 9.57 -23.93
C ASN B 150 -4.05 10.96 -24.50
N PRO B 151 -2.78 11.37 -24.37
CA PRO B 151 -1.72 10.64 -23.72
C PRO B 151 -1.80 10.94 -22.21
N ALA B 152 -2.03 9.89 -21.43
CA ALA B 152 -2.24 10.00 -20.00
C ALA B 152 -1.01 10.58 -19.29
N ALA B 153 0.19 10.19 -19.74
CA ALA B 153 1.40 10.63 -19.05
C ALA B 153 1.51 12.15 -19.03
N ILE B 154 1.29 12.78 -20.20
CA ILE B 154 1.39 14.24 -20.33
C ILE B 154 0.20 14.93 -19.65
N VAL B 155 -1.00 14.41 -19.84
CA VAL B 155 -2.19 15.03 -19.26
C VAL B 155 -2.18 14.86 -17.72
N ALA B 156 -1.74 13.69 -17.24
CA ALA B 156 -1.68 13.47 -15.83
C ALA B 156 -0.67 14.43 -15.22
N GLU B 157 0.44 14.70 -15.93
CA GLU B 157 1.41 15.66 -15.43
C GLU B 157 0.79 17.05 -15.34
N ALA B 158 -0.04 17.39 -16.34
CA ALA B 158 -0.64 18.73 -16.37
C ALA B 158 -1.62 18.92 -15.21
N THR B 159 -2.43 17.90 -14.92
CA THR B 159 -3.41 18.00 -13.84
C THR B 159 -2.71 17.95 -12.47
N ARG B 160 -1.62 17.16 -12.36
CA ARG B 160 -0.87 17.10 -11.13
C ARG B 160 -0.38 18.49 -10.79
N ARG B 161 0.02 19.19 -11.85
CA ARG B 161 0.66 20.49 -11.74
C ARG B 161 -0.38 21.61 -11.55
N LEU B 162 -1.46 21.59 -12.32
CA LEU B 162 -2.44 22.69 -12.32
C LEU B 162 -3.73 22.39 -11.54
N ARG B 163 -4.00 21.12 -11.21
CA ARG B 163 -5.24 20.71 -10.47
C ARG B 163 -4.88 19.61 -9.48
N PRO B 164 -3.92 19.86 -8.57
CA PRO B 164 -3.41 18.81 -7.69
C PRO B 164 -4.43 18.12 -6.74
N ASN B 165 -5.55 18.79 -6.44
CA ASN B 165 -6.52 18.23 -5.51
C ASN B 165 -7.77 17.69 -6.21
N ALA B 166 -7.91 17.95 -7.53
CA ALA B 166 -9.12 17.49 -8.27
C ALA B 166 -9.23 15.97 -8.18
N LYS B 167 -10.47 15.49 -8.05
CA LYS B 167 -10.79 14.07 -7.92
C LYS B 167 -10.80 13.46 -9.33
N ILE B 168 -9.60 13.28 -9.89
CA ILE B 168 -9.43 12.73 -11.22
C ILE B 168 -8.43 11.58 -11.16
N LEU B 169 -8.74 10.51 -11.91
CA LEU B 169 -7.93 9.31 -12.00
C LEU B 169 -7.66 8.99 -13.46
N ASN B 170 -6.45 8.48 -13.72
CA ASN B 170 -6.08 8.07 -15.05
C ASN B 170 -5.71 6.59 -14.95
N ILE B 171 -6.39 5.79 -15.76
CA ILE B 171 -6.14 4.39 -15.84
C ILE B 171 -5.86 4.09 -17.31
N CYS B 172 -4.97 3.10 -17.51
CA CYS B 172 -4.57 2.66 -18.82
C CYS B 172 -5.01 1.22 -19.00
N ASP B 173 -5.46 0.88 -20.22
CA ASP B 173 -5.95 -0.48 -20.53
C ASP B 173 -4.85 -1.40 -21.05
N MSE B 174 -3.67 -0.84 -21.34
CA MSE B 174 -2.62 -1.66 -21.91
C MSE B 174 -2.15 -2.73 -20.92
O MSE B 174 -2.07 -3.91 -21.27
CB MSE B 174 -1.45 -0.81 -22.41
CG MSE B 174 -0.46 -1.66 -23.23
SE MSE B 174 -1.22 -2.51 -24.86
CE MSE B 174 -2.53 -1.11 -25.36
N PRO B 175 -1.85 -2.38 -19.66
CA PRO B 175 -1.39 -3.38 -18.70
C PRO B 175 -2.45 -4.48 -18.61
N ILE B 176 -3.71 -4.07 -18.55
CA ILE B 176 -4.85 -4.97 -18.46
C ILE B 176 -4.88 -5.96 -19.64
N GLY B 177 -4.64 -5.48 -20.87
CA GLY B 177 -4.62 -6.36 -22.04
C GLY B 177 -3.45 -7.34 -21.99
N ILE B 178 -2.28 -6.85 -21.59
CA ILE B 178 -1.10 -7.72 -21.48
C ILE B 178 -1.30 -8.77 -20.38
N GLU B 179 -1.90 -8.38 -19.26
CA GLU B 179 -2.08 -9.32 -18.17
C GLU B 179 -3.02 -10.43 -18.63
N GLY B 180 -4.01 -10.06 -19.46
CA GLY B 180 -4.95 -11.03 -20.01
C GLY B 180 -4.23 -12.09 -20.81
N ARG B 181 -3.23 -11.66 -21.58
CA ARG B 181 -2.45 -12.57 -22.42
C ARG B 181 -1.54 -13.42 -21.53
N MSE B 182 -0.91 -12.81 -20.52
CA MSE B 182 -0.06 -13.57 -19.62
C MSE B 182 -0.85 -14.71 -18.95
O MSE B 182 -0.37 -15.84 -18.85
CB MSE B 182 0.51 -12.68 -18.51
CG MSE B 182 1.59 -11.69 -18.97
SE MSE B 182 1.86 -10.35 -17.52
CE MSE B 182 3.63 -10.15 -18.25
N ALA B 183 -2.07 -14.39 -18.52
CA ALA B 183 -2.94 -15.38 -17.88
C ALA B 183 -3.18 -16.55 -18.83
N GLN B 184 -3.50 -16.25 -20.10
CA GLN B 184 -3.75 -17.32 -21.06
C GLN B 184 -2.49 -18.18 -21.17
N ILE B 185 -1.34 -17.51 -21.29
CA ILE B 185 -0.08 -18.22 -21.46
C ILE B 185 0.18 -19.17 -20.28
N VAL B 186 -0.09 -18.75 -19.04
CA VAL B 186 0.17 -19.67 -17.90
C VAL B 186 -1.04 -20.59 -17.62
N GLY B 187 -2.11 -20.46 -18.41
CA GLY B 187 -3.28 -21.34 -18.26
C GLY B 187 -4.29 -20.91 -17.19
N LEU B 188 -4.28 -19.65 -16.74
CA LEU B 188 -5.28 -19.17 -15.76
C LEU B 188 -6.51 -18.63 -16.49
N LYS B 189 -7.67 -18.63 -15.82
CA LYS B 189 -8.92 -18.21 -16.53
C LYS B 189 -8.95 -16.71 -16.82
N ASP B 190 -8.22 -15.89 -16.07
CA ASP B 190 -8.19 -14.45 -16.33
C ASP B 190 -7.14 -13.82 -15.42
N ARG B 191 -6.89 -12.54 -15.66
CA ARG B 191 -5.87 -11.78 -14.95
C ARG B 191 -6.22 -11.62 -13.46
N LYS B 192 -7.50 -11.78 -13.08
CA LYS B 192 -7.87 -11.68 -11.65
C LYS B 192 -7.36 -12.90 -10.87
N GLN B 193 -6.78 -13.88 -11.57
CA GLN B 193 -6.22 -15.04 -10.85
C GLN B 193 -4.77 -14.76 -10.51
N MSE B 194 -4.28 -13.57 -10.90
CA MSE B 194 -2.91 -13.17 -10.64
C MSE B 194 -2.85 -11.97 -9.70
O MSE B 194 -3.79 -11.16 -9.67
CB MSE B 194 -2.15 -12.79 -11.90
CG MSE B 194 -2.47 -13.72 -13.09
SE MSE B 194 -1.17 -13.58 -14.56
CE MSE B 194 -1.82 -11.83 -15.08
N ARG B 195 -1.74 -11.88 -8.99
CA ARG B 195 -1.43 -10.76 -8.12
C ARG B 195 -0.08 -10.24 -8.60
N VAL B 196 0.00 -8.95 -8.94
CA VAL B 196 1.27 -8.45 -9.51
C VAL B 196 1.82 -7.22 -8.79
N ARG B 197 3.12 -7.03 -9.05
CA ARG B 197 3.86 -5.84 -8.68
C ARG B 197 4.43 -5.32 -10.00
N TYR B 198 4.40 -3.99 -10.14
CA TYR B 198 4.75 -3.29 -11.35
C TYR B 198 5.07 -1.85 -11.03
N TYR B 199 5.88 -1.22 -11.90
CA TYR B 199 6.22 0.16 -11.75
C TYR B 199 6.61 0.70 -13.13
N GLY B 200 6.43 1.99 -13.31
CA GLY B 200 6.86 2.68 -14.51
C GLY B 200 6.09 3.97 -14.66
N LEU B 201 6.15 4.54 -15.87
CA LEU B 201 5.33 5.69 -16.23
C LEU B 201 4.23 5.09 -17.10
N ASN B 202 3.19 5.86 -17.39
CA ASN B 202 2.16 5.35 -18.27
C ASN B 202 2.81 4.98 -19.60
N HIS B 203 2.48 3.79 -20.12
CA HIS B 203 3.03 3.32 -21.41
C HIS B 203 4.55 3.13 -21.29
N PHE B 204 5.03 2.86 -20.06
CA PHE B 204 6.48 2.78 -19.86
C PHE B 204 6.77 2.09 -18.52
N GLY B 205 6.50 0.79 -18.45
CA GLY B 205 6.65 0.05 -17.18
C GLY B 205 7.05 -1.41 -17.35
N TRP B 206 7.26 -2.04 -16.19
CA TRP B 206 7.69 -3.41 -16.03
C TRP B 206 6.96 -4.09 -14.88
N TRP B 207 6.64 -5.38 -15.08
CA TRP B 207 6.11 -6.22 -14.05
C TRP B 207 7.31 -6.84 -13.35
N THR B 208 7.37 -6.78 -12.02
CA THR B 208 8.53 -7.30 -11.26
C THR B 208 8.19 -8.61 -10.54
N SER B 209 6.91 -8.80 -10.30
CA SER B 209 6.45 -9.96 -9.58
C SER B 209 5.09 -10.36 -10.13
N ILE B 210 4.97 -11.65 -10.45
CA ILE B 210 3.71 -12.22 -10.98
C ILE B 210 3.52 -13.60 -10.37
N GLU B 211 2.45 -13.71 -9.59
CA GLU B 211 2.09 -14.88 -8.88
C GLU B 211 0.61 -15.16 -9.07
N ASP B 212 0.19 -16.39 -8.77
CA ASP B 212 -1.23 -16.73 -8.71
C ASP B 212 -1.71 -16.33 -7.30
N LEU B 213 -3.02 -16.39 -7.06
CA LEU B 213 -3.55 -15.98 -5.75
C LEU B 213 -2.94 -16.76 -4.58
N ASP B 214 -2.52 -18.00 -4.81
CA ASP B 214 -1.97 -18.84 -3.76
C ASP B 214 -0.50 -18.51 -3.44
N GLY B 215 0.16 -17.76 -4.33
CA GLY B 215 1.54 -17.37 -4.11
C GLY B 215 2.54 -18.06 -5.01
N ASN B 216 2.07 -18.95 -5.90
CA ASN B 216 2.94 -19.65 -6.84
C ASN B 216 3.52 -18.64 -7.84
N ASP B 217 4.83 -18.71 -8.03
CA ASP B 217 5.56 -17.83 -8.90
C ASP B 217 5.27 -18.23 -10.35
N LEU B 218 4.74 -17.28 -11.14
CA LEU B 218 4.41 -17.51 -12.55
C LEU B 218 5.51 -17.00 -13.46
N MSE B 219 6.41 -16.21 -12.89
CA MSE B 219 7.45 -15.58 -13.68
C MSE B 219 8.32 -16.52 -14.51
O MSE B 219 8.58 -16.23 -15.67
CB MSE B 219 8.30 -14.60 -12.82
CG MSE B 219 9.30 -13.80 -13.62
SE MSE B 219 8.40 -12.40 -14.68
CE MSE B 219 8.02 -11.26 -13.11
N PRO B 220 8.84 -17.63 -13.92
CA PRO B 220 9.68 -18.56 -14.68
C PRO B 220 8.96 -19.15 -15.91
N LYS B 221 7.67 -19.46 -15.76
CA LYS B 221 6.92 -20.01 -16.86
C LYS B 221 6.80 -18.95 -17.95
N LEU B 222 6.42 -17.72 -17.56
CA LEU B 222 6.25 -16.61 -18.53
C LEU B 222 7.57 -16.26 -19.24
N ARG B 223 8.67 -16.35 -18.49
N ARG B 223 8.69 -16.27 -18.50
CA ARG B 223 10.04 -16.02 -18.91
CA ARG B 223 9.99 -15.96 -19.11
C ARG B 223 10.54 -17.04 -19.95
C ARG B 223 10.31 -17.01 -20.18
N GLU B 224 10.01 -18.28 -19.86
CA GLU B 224 10.33 -19.38 -20.78
C GLU B 224 9.52 -19.23 -22.08
N TYR B 225 8.25 -18.83 -21.94
CA TYR B 225 7.37 -18.64 -23.09
C TYR B 225 7.61 -17.29 -23.80
N VAL B 226 7.72 -16.21 -23.03
CA VAL B 226 7.83 -14.90 -23.66
C VAL B 226 9.16 -14.76 -24.43
N ALA B 227 10.20 -15.45 -23.98
CA ALA B 227 11.51 -15.39 -24.66
C ALA B 227 11.43 -16.01 -26.06
N LYS B 228 10.36 -16.76 -26.36
CA LYS B 228 10.25 -17.43 -27.66
C LYS B 228 9.12 -16.86 -28.50
N TYR B 229 8.04 -16.39 -27.88
CA TYR B 229 6.88 -16.01 -28.66
C TYR B 229 6.30 -14.66 -28.24
N GLY B 230 6.93 -13.99 -27.28
CA GLY B 230 6.37 -12.74 -26.81
C GLY B 230 5.06 -13.01 -26.11
N TYR B 231 4.15 -12.04 -26.15
CA TYR B 231 2.87 -12.15 -25.47
C TYR B 231 1.79 -12.68 -26.41
N VAL B 232 2.19 -13.49 -27.40
CA VAL B 232 1.19 -14.13 -28.28
C VAL B 232 0.79 -15.46 -27.63
N PRO B 233 -0.46 -15.62 -27.11
CA PRO B 233 -0.84 -16.88 -26.47
C PRO B 233 -0.95 -18.04 -27.46
N PRO B 234 -0.89 -19.32 -27.02
CA PRO B 234 -0.93 -20.47 -27.92
C PRO B 234 -2.20 -20.50 -28.80
N SER B 235 -3.28 -19.87 -28.30
CA SER B 235 -4.61 -19.77 -28.98
C SER B 235 -5.27 -21.16 -29.03
N ASN B 245 -0.60 -6.92 -33.03
CA ASN B 245 0.02 -7.87 -33.98
C ASN B 245 1.45 -8.19 -33.54
N ASP B 246 2.40 -7.52 -34.21
CA ASP B 246 3.83 -7.66 -33.99
C ASP B 246 4.21 -7.00 -32.66
N THR B 247 3.37 -6.09 -32.18
CA THR B 247 3.59 -5.42 -30.91
C THR B 247 3.80 -6.48 -29.83
N PHE B 248 2.81 -7.36 -29.66
CA PHE B 248 2.86 -8.42 -28.68
C PHE B 248 4.03 -9.37 -28.99
N ALA B 249 4.25 -9.66 -30.26
CA ALA B 249 5.35 -10.56 -30.64
C ALA B 249 6.69 -9.93 -30.26
N LYS B 250 6.84 -8.64 -30.55
CA LYS B 250 8.06 -7.88 -30.34
C LYS B 250 8.43 -7.79 -28.85
N ALA B 251 7.48 -8.07 -27.95
CA ALA B 251 7.79 -7.99 -26.50
C ALA B 251 8.93 -8.97 -26.17
N LYS B 252 9.11 -9.96 -27.03
CA LYS B 252 10.17 -10.94 -26.88
C LYS B 252 11.53 -10.23 -26.79
N ASP B 253 11.73 -9.28 -27.71
CA ASP B 253 12.97 -8.55 -27.82
C ASP B 253 13.11 -7.51 -26.70
N VAL B 254 12.00 -6.90 -26.31
CA VAL B 254 12.01 -5.89 -25.27
C VAL B 254 12.39 -6.54 -23.93
N GLN B 255 11.81 -7.72 -23.65
CA GLN B 255 11.95 -8.43 -22.38
C GLN B 255 13.39 -8.92 -22.16
N ALA B 256 14.07 -9.24 -23.26
CA ALA B 256 15.46 -9.76 -23.22
C ALA B 256 16.42 -8.76 -22.56
N LEU B 257 16.13 -7.45 -22.62
CA LEU B 257 17.00 -6.41 -22.00
C LEU B 257 17.13 -6.61 -20.47
N ASP B 258 16.05 -7.07 -19.84
CA ASP B 258 16.03 -7.33 -18.41
CA ASP B 258 16.06 -7.34 -18.40
C ASP B 258 15.27 -8.61 -18.17
N PRO B 259 15.94 -9.78 -18.17
CA PRO B 259 15.28 -11.07 -17.99
C PRO B 259 14.38 -11.25 -16.75
N GLN B 260 14.75 -10.61 -15.63
CA GLN B 260 14.02 -10.78 -14.39
C GLN B 260 12.64 -10.12 -14.44
N THR B 261 12.33 -9.34 -15.48
CA THR B 261 11.03 -8.65 -15.49
C THR B 261 10.25 -8.90 -16.77
N MSE B 262 9.04 -8.30 -16.84
CA MSE B 262 8.17 -8.41 -17.99
C MSE B 262 7.86 -6.98 -18.42
O MSE B 262 7.44 -6.15 -17.61
CB MSE B 262 6.85 -9.11 -17.68
CG MSE B 262 7.01 -10.62 -17.55
SE MSE B 262 7.29 -11.43 -19.32
CE MSE B 262 8.74 -12.63 -18.78
N PRO B 263 8.08 -6.61 -19.69
CA PRO B 263 7.85 -5.23 -20.12
C PRO B 263 6.46 -4.87 -20.69
N ASN B 264 6.12 -3.58 -20.54
CA ASN B 264 4.96 -2.98 -21.15
C ASN B 264 5.32 -2.96 -22.65
N THR B 265 4.37 -3.29 -23.51
CA THR B 265 4.64 -3.37 -24.97
C THR B 265 5.08 -2.04 -25.56
N TYR B 266 4.66 -0.92 -24.96
CA TYR B 266 5.01 0.37 -25.51
C TYR B 266 6.52 0.62 -25.45
N LEU B 267 7.26 -0.20 -24.71
CA LEU B 267 8.70 0.02 -24.62
C LEU B 267 9.36 -0.31 -25.98
N LYS B 268 8.66 -0.98 -26.89
CA LYS B 268 9.31 -1.28 -28.20
C LYS B 268 9.60 0.02 -28.95
N TYR B 269 8.80 1.04 -28.70
CA TYR B 269 8.95 2.31 -29.44
C TYR B 269 10.22 3.03 -29.00
N TYR B 270 10.68 2.78 -27.76
CA TYR B 270 11.84 3.46 -27.20
C TYR B 270 13.12 2.63 -27.33
N LEU B 271 13.00 1.30 -27.34
CA LEU B 271 14.19 0.44 -27.37
C LEU B 271 14.52 -0.02 -28.80
N PHE B 272 13.51 -0.04 -29.69
CA PHE B 272 13.71 -0.45 -31.10
C PHE B 272 13.01 0.55 -32.02
N PRO B 273 13.29 1.87 -31.88
CA PRO B 273 12.62 2.88 -32.70
C PRO B 273 13.00 2.72 -34.18
N ASP B 274 14.22 2.24 -34.43
CA ASP B 274 14.68 2.05 -35.82
C ASP B 274 13.73 1.03 -36.51
N TYR B 275 13.44 -0.07 -35.80
CA TYR B 275 12.55 -1.13 -36.26
C TYR B 275 11.16 -0.57 -36.56
N VAL B 276 10.60 0.24 -35.65
CA VAL B 276 9.24 0.77 -35.85
C VAL B 276 9.17 1.60 -37.14
N VAL B 277 10.16 2.47 -37.34
CA VAL B 277 10.18 3.33 -38.53
C VAL B 277 10.33 2.46 -39.80
N ALA B 278 11.25 1.49 -39.75
CA ALA B 278 11.57 0.60 -40.88
C ALA B 278 10.30 -0.12 -41.38
N HIS B 279 9.46 -0.57 -40.44
CA HIS B 279 8.22 -1.29 -40.79
C HIS B 279 7.02 -0.33 -40.90
N SER B 280 7.27 0.98 -40.94
CA SER B 280 6.18 1.95 -41.09
C SER B 280 5.93 2.20 -42.59
N ASN B 281 4.72 2.70 -42.88
CA ASN B 281 4.31 3.07 -44.21
C ASN B 281 3.79 4.51 -44.13
N PRO B 282 4.58 5.51 -44.61
CA PRO B 282 4.18 6.91 -44.53
C PRO B 282 2.87 7.28 -45.26
N GLU B 283 2.43 6.39 -46.17
CA GLU B 283 1.21 6.59 -46.96
C GLU B 283 -0.03 6.24 -46.15
N ARG B 284 0.00 5.10 -45.44
CA ARG B 284 -1.14 4.64 -44.66
C ARG B 284 -0.69 4.29 -43.23
N THR B 285 -1.41 4.85 -42.25
CA THR B 285 -1.10 4.65 -40.83
C THR B 285 -2.38 4.22 -40.09
N ARG B 286 -2.23 4.00 -38.78
CA ARG B 286 -3.30 3.51 -37.93
C ARG B 286 -4.53 4.43 -38.00
N ALA B 287 -4.31 5.75 -37.97
CA ALA B 287 -5.44 6.69 -38.04
C ALA B 287 -6.31 6.38 -39.27
N ASN B 288 -5.66 6.08 -40.40
CA ASN B 288 -6.36 5.81 -41.68
C ASN B 288 -7.27 4.57 -41.57
N GLU B 289 -6.75 3.53 -40.90
CA GLU B 289 -7.46 2.25 -40.76
C GLU B 289 -8.70 2.41 -39.87
N VAL B 290 -8.60 3.27 -38.86
CA VAL B 290 -9.69 3.50 -37.94
C VAL B 290 -10.75 4.37 -38.61
N MSE B 291 -10.32 5.37 -39.38
CA MSE B 291 -11.24 6.25 -40.08
C MSE B 291 -12.05 5.49 -41.13
O MSE B 291 -13.22 5.80 -41.35
CB MSE B 291 -10.50 7.39 -40.80
CG MSE B 291 -10.48 8.64 -39.92
SE MSE B 291 -9.33 10.10 -40.64
CE MSE B 291 -7.70 9.16 -41.22
N ASP B 292 -11.42 4.48 -41.77
CA ASP B 292 -12.03 3.68 -42.81
C ASP B 292 -12.97 2.61 -42.25
N HIS B 293 -12.64 2.09 -41.06
CA HIS B 293 -13.43 0.98 -40.48
C HIS B 293 -14.23 1.45 -39.25
N ARG B 294 -13.63 1.40 -38.05
CA ARG B 294 -14.34 1.72 -36.79
C ARG B 294 -15.31 2.90 -36.98
N GLU B 295 -14.80 4.06 -37.44
CA GLU B 295 -15.64 5.30 -37.55
C GLU B 295 -16.89 5.11 -38.43
N LYS B 296 -16.70 4.70 -39.69
CA LYS B 296 -17.82 4.58 -40.63
C LYS B 296 -18.75 3.43 -40.22
N ASN B 297 -18.19 2.40 -39.59
CA ASN B 297 -18.99 1.24 -39.15
C ASN B 297 -19.93 1.64 -38.01
N VAL B 298 -19.38 2.30 -36.99
CA VAL B 298 -20.11 2.69 -35.79
C VAL B 298 -21.16 3.76 -36.12
N PHE B 299 -20.81 4.73 -36.97
CA PHE B 299 -21.78 5.79 -37.32
C PHE B 299 -22.89 5.23 -38.23
N SER B 300 -22.55 4.28 -39.10
CA SER B 300 -23.52 3.69 -40.01
CA SER B 300 -23.55 3.70 -40.00
C SER B 300 -24.55 2.86 -39.20
N ALA B 301 -24.03 2.12 -38.21
CA ALA B 301 -24.85 1.29 -37.37
C ALA B 301 -25.81 2.16 -36.55
N CYS B 302 -25.30 3.27 -35.98
CA CYS B 302 -26.12 4.20 -35.17
C CYS B 302 -27.26 4.81 -36.02
N ARG B 303 -26.98 5.18 -37.27
CA ARG B 303 -28.02 5.76 -38.13
C ARG B 303 -29.11 4.72 -38.45
N ALA B 304 -28.72 3.44 -38.47
CA ALA B 304 -29.65 2.34 -38.77
C ALA B 304 -30.58 2.11 -37.57
N ILE B 305 -30.02 2.18 -36.36
CA ILE B 305 -30.78 2.01 -35.11
C ILE B 305 -31.88 3.08 -35.03
N ILE B 306 -31.49 4.35 -35.24
CA ILE B 306 -32.41 5.51 -35.19
C ILE B 306 -33.55 5.35 -36.20
N ALA B 307 -33.22 4.85 -37.40
CA ALA B 307 -34.18 4.71 -38.49
C ALA B 307 -35.27 3.68 -38.19
N ALA B 308 -34.97 2.70 -37.33
CA ALA B 308 -35.93 1.63 -37.00
C ALA B 308 -36.36 1.68 -35.52
N GLY B 309 -35.73 2.56 -34.74
CA GLY B 309 -36.03 2.59 -33.32
C GLY B 309 -35.80 1.21 -32.68
N LYS B 310 -34.84 0.47 -33.24
CA LYS B 310 -34.46 -0.87 -32.77
C LYS B 310 -32.95 -1.07 -32.85
N SER B 311 -32.39 -1.74 -31.83
CA SER B 311 -30.95 -2.05 -31.76
C SER B 311 -30.66 -3.44 -32.37
N THR B 312 -31.34 -3.71 -33.50
CA THR B 312 -31.18 -4.95 -34.23
C THR B 312 -30.62 -4.63 -35.62
N ALA B 313 -31.09 -3.52 -36.20
CA ALA B 313 -30.66 -3.05 -37.53
C ALA B 313 -29.28 -2.40 -37.45
N GLY B 314 -28.75 -2.33 -36.22
CA GLY B 314 -27.42 -1.80 -35.99
C GLY B 314 -26.60 -2.77 -35.16
N ASP B 315 -25.54 -3.32 -35.78
CA ASP B 315 -24.65 -4.27 -35.10
C ASP B 315 -23.41 -3.53 -34.58
N LEU B 316 -23.40 -3.32 -33.27
CA LEU B 316 -22.32 -2.71 -32.52
C LEU B 316 -21.74 -3.80 -31.62
N GLU B 317 -20.44 -3.73 -31.34
CA GLU B 317 -19.82 -4.77 -30.51
C GLU B 317 -19.59 -4.27 -29.09
N ILE B 318 -20.03 -5.10 -28.12
CA ILE B 318 -19.85 -4.86 -26.69
C ILE B 318 -18.35 -4.78 -26.40
N ASP B 319 -17.86 -3.59 -26.05
CA ASP B 319 -16.44 -3.46 -25.73
C ASP B 319 -16.22 -4.24 -24.42
N GLU B 320 -15.88 -5.53 -24.54
CA GLU B 320 -15.71 -6.42 -23.40
C GLU B 320 -14.45 -6.03 -22.61
N HIS B 321 -13.49 -5.43 -23.32
CA HIS B 321 -12.20 -5.03 -22.74
C HIS B 321 -12.37 -3.88 -21.75
N ALA B 322 -13.28 -2.94 -22.05
CA ALA B 322 -13.48 -1.72 -21.26
C ALA B 322 -14.09 -1.99 -19.88
N SER B 323 -14.21 -3.26 -19.47
CA SER B 323 -14.83 -3.54 -18.17
C SER B 323 -13.95 -3.06 -17.00
N TYR B 324 -12.70 -2.66 -17.28
CA TYR B 324 -11.83 -2.18 -16.20
C TYR B 324 -12.32 -0.82 -15.68
N ILE B 325 -12.97 -0.05 -16.56
CA ILE B 325 -13.51 1.27 -16.18
C ILE B 325 -14.60 1.09 -15.12
N VAL B 326 -15.31 -0.04 -15.16
CA VAL B 326 -16.36 -0.35 -14.19
C VAL B 326 -15.71 -0.95 -12.94
N ASP B 327 -14.54 -1.57 -13.11
CA ASP B 327 -13.85 -2.09 -11.96
C ASP B 327 -13.43 -0.89 -11.12
N LEU B 328 -13.01 0.19 -11.81
CA LEU B 328 -12.55 1.43 -11.15
C LEU B 328 -13.74 2.16 -10.52
N ALA B 329 -14.81 2.35 -11.29
CA ALA B 329 -16.00 3.04 -10.80
C ALA B 329 -16.60 2.30 -9.60
N THR B 330 -16.77 0.99 -9.73
CA THR B 330 -17.34 0.21 -8.64
C THR B 330 -16.41 0.25 -7.42
N ALA B 331 -15.10 0.15 -7.65
CA ALA B 331 -14.16 0.13 -6.53
C ALA B 331 -14.35 1.38 -5.68
N ILE B 332 -14.59 2.52 -6.36
CA ILE B 332 -14.80 3.79 -5.70
C ILE B 332 -16.19 3.82 -5.08
N ALA B 333 -17.21 3.42 -5.86
CA ALA B 333 -18.61 3.48 -5.40
C ALA B 333 -18.84 2.56 -4.20
N PHE B 334 -18.26 1.34 -4.26
CA PHE B 334 -18.49 0.37 -3.18
C PHE B 334 -17.26 0.21 -2.29
N ASN B 335 -16.25 1.05 -2.45
CA ASN B 335 -15.11 0.99 -1.54
C ASN B 335 -14.54 -0.45 -1.51
N THR B 336 -14.33 -1.08 -2.67
CA THR B 336 -13.94 -2.51 -2.64
C THR B 336 -12.47 -2.75 -2.30
N GLN B 337 -11.63 -1.71 -2.26
CA GLN B 337 -10.17 -1.87 -1.96
C GLN B 337 -9.45 -2.67 -3.06
N GLU B 338 -10.06 -2.79 -4.24
CA GLU B 338 -9.49 -3.54 -5.36
C GLU B 338 -8.11 -2.98 -5.74
N ARG B 339 -7.19 -3.90 -6.03
CA ARG B 339 -5.83 -3.60 -6.36
C ARG B 339 -5.68 -3.40 -7.87
N MSE B 340 -5.26 -2.20 -8.28
CA MSE B 340 -5.11 -1.95 -9.72
C MSE B 340 -4.01 -0.94 -9.99
O MSE B 340 -3.56 -0.22 -9.08
CB MSE B 340 -6.46 -1.62 -10.38
CG MSE B 340 -7.19 -0.34 -9.99
SE MSE B 340 -9.17 -0.44 -10.29
CE MSE B 340 -9.26 -1.04 -12.17
N LEU B 341 -3.53 -0.96 -11.25
CA LEU B 341 -2.48 -0.05 -11.69
C LEU B 341 -3.10 1.28 -12.11
N LEU B 342 -2.79 2.33 -11.35
CA LEU B 342 -3.25 3.70 -11.61
C LEU B 342 -2.03 4.61 -11.75
N ILE B 343 -2.28 5.79 -12.31
CA ILE B 343 -1.26 6.79 -12.52
C ILE B 343 -1.39 7.80 -11.38
N VAL B 344 -0.37 7.87 -10.52
CA VAL B 344 -0.47 8.73 -9.34
C VAL B 344 0.85 9.43 -9.07
N PRO B 345 0.85 10.52 -8.27
CA PRO B 345 2.10 11.17 -7.88
C PRO B 345 2.95 10.12 -7.15
N ASN B 346 4.23 10.04 -7.47
CA ASN B 346 5.09 9.06 -6.91
C ASN B 346 5.20 9.27 -5.40
N ASN B 347 5.68 10.45 -5.01
CA ASN B 347 5.83 10.94 -3.64
C ASN B 347 6.31 9.85 -2.68
N GLY B 348 7.44 9.21 -2.98
CA GLY B 348 8.05 8.19 -2.11
C GLY B 348 7.77 6.73 -2.49
N ALA B 349 6.70 6.43 -3.24
CA ALA B 349 6.35 5.03 -3.55
C ALA B 349 7.57 4.37 -4.19
N ILE B 350 8.14 5.05 -5.19
CA ILE B 350 9.40 4.62 -5.79
C ILE B 350 10.42 5.53 -5.11
N HIS B 351 11.07 5.02 -4.07
CA HIS B 351 11.94 5.80 -3.21
C HIS B 351 13.00 6.57 -3.97
N ASN B 352 13.72 5.91 -4.90
CA ASN B 352 14.81 6.58 -5.62
C ASN B 352 14.34 7.15 -6.97
N PHE B 353 13.12 7.71 -7.02
CA PHE B 353 12.65 8.36 -8.23
C PHE B 353 11.89 9.63 -7.82
N ASP B 354 11.83 10.62 -8.71
CA ASP B 354 11.26 11.96 -8.44
C ASP B 354 9.89 11.85 -7.76
N ALA B 355 9.77 12.56 -6.63
CA ALA B 355 8.55 12.59 -5.88
C ALA B 355 7.43 13.20 -6.71
N ASP B 356 7.77 14.10 -7.63
CA ASP B 356 6.73 14.85 -8.37
C ASP B 356 6.45 14.21 -9.75
N ALA B 357 6.93 12.99 -9.98
CA ALA B 357 6.63 12.31 -11.24
C ALA B 357 5.30 11.57 -11.12
N MSE B 358 4.57 11.47 -12.23
CA MSE B 358 3.34 10.70 -12.28
C MSE B 358 3.83 9.30 -12.70
O MSE B 358 4.47 9.17 -13.73
CB MSE B 358 2.35 11.21 -13.31
CG MSE B 358 1.83 12.58 -12.92
SE MSE B 358 0.82 12.47 -11.24
CE MSE B 358 -0.90 12.02 -12.05
N VAL B 359 3.49 8.29 -11.88
CA VAL B 359 3.93 6.90 -12.08
C VAL B 359 2.73 5.97 -12.08
N GLU B 360 2.90 4.84 -12.79
CA GLU B 360 1.88 3.80 -12.91
C GLU B 360 2.30 2.67 -11.97
N ILE B 361 1.57 2.54 -10.87
CA ILE B 361 1.92 1.59 -9.82
C ILE B 361 0.67 1.01 -9.17
N PRO B 362 0.81 -0.15 -8.53
CA PRO B 362 -0.30 -0.76 -7.81
C PRO B 362 -0.86 0.13 -6.70
N CYS B 363 -2.19 0.26 -6.68
CA CYS B 363 -2.92 1.06 -5.69
C CYS B 363 -4.17 0.30 -5.25
N LEU B 364 -4.53 0.42 -3.97
CA LEU B 364 -5.80 -0.10 -3.48
C LEU B 364 -6.79 1.02 -3.73
N VAL B 365 -7.95 0.73 -4.29
CA VAL B 365 -8.91 1.77 -4.61
C VAL B 365 -10.15 1.61 -3.74
N GLY B 366 -10.50 2.70 -3.07
CA GLY B 366 -11.67 2.83 -2.24
C GLY B 366 -12.42 4.11 -2.54
N HIS B 367 -13.45 4.39 -1.73
CA HIS B 367 -14.33 5.57 -1.89
C HIS B 367 -13.53 6.88 -1.83
N ASN B 368 -12.33 6.84 -1.23
CA ASN B 368 -11.44 8.04 -1.13
C ASN B 368 -10.44 8.09 -2.29
N GLY B 369 -10.60 7.22 -3.29
CA GLY B 369 -9.64 7.23 -4.39
C GLY B 369 -8.56 6.19 -4.14
N PRO B 370 -7.34 6.33 -4.70
CA PRO B 370 -6.33 5.31 -4.51
C PRO B 370 -5.43 5.42 -3.28
N GLU B 371 -5.01 4.25 -2.77
N GLU B 371 -5.02 4.26 -2.76
CA GLU B 371 -4.03 4.15 -1.70
CA GLU B 371 -4.04 4.13 -1.68
C GLU B 371 -2.85 3.41 -2.30
C GLU B 371 -2.85 3.40 -2.30
N PRO B 372 -1.84 4.11 -2.85
CA PRO B 372 -0.71 3.44 -3.45
C PRO B 372 0.12 2.55 -2.52
N LEU B 373 0.68 1.49 -3.11
CA LEU B 373 1.59 0.64 -2.44
C LEU B 373 2.99 1.16 -2.69
N THR B 374 3.89 0.94 -1.71
CA THR B 374 5.26 1.23 -1.89
C THR B 374 5.80 0.26 -2.95
N VAL B 375 6.83 0.71 -3.67
CA VAL B 375 7.53 -0.07 -4.70
C VAL B 375 8.93 -0.39 -4.21
N GLY B 376 9.60 0.60 -3.63
CA GLY B 376 10.96 0.44 -3.18
C GLY B 376 11.89 1.15 -4.14
N ASP B 377 13.17 0.74 -4.16
CA ASP B 377 14.18 1.29 -5.03
C ASP B 377 14.17 0.51 -6.35
N ILE B 378 14.33 1.21 -7.47
CA ILE B 378 14.37 0.55 -8.80
C ILE B 378 15.78 0.57 -9.35
N PRO B 379 16.13 -0.37 -10.26
CA PRO B 379 17.48 -0.46 -10.82
C PRO B 379 17.85 0.66 -11.80
N HIS B 380 19.14 0.74 -12.13
CA HIS B 380 19.67 1.79 -13.01
C HIS B 380 19.05 1.80 -14.41
N PHE B 381 18.86 0.63 -15.02
CA PHE B 381 18.34 0.60 -16.43
C PHE B 381 16.96 1.27 -16.52
N GLN B 382 16.02 0.78 -15.73
CA GLN B 382 14.66 1.35 -15.72
C GLN B 382 14.69 2.82 -15.26
N LYS B 383 15.52 3.13 -14.25
CA LYS B 383 15.53 4.47 -13.71
C LYS B 383 16.07 5.46 -14.73
N GLY B 384 17.11 5.06 -15.44
CA GLY B 384 17.63 5.95 -16.46
C GLY B 384 16.59 6.17 -17.55
N LEU B 385 15.94 5.08 -18.00
CA LEU B 385 14.93 5.24 -19.09
C LEU B 385 13.78 6.11 -18.62
N MSE B 386 13.31 5.86 -17.39
CA MSE B 386 12.18 6.60 -16.87
C MSE B 386 12.50 8.07 -16.61
O MSE B 386 11.64 8.94 -16.83
CB MSE B 386 11.69 5.91 -15.59
CG MSE B 386 10.92 4.63 -15.90
SE MSE B 386 10.60 3.65 -14.20
CE MSE B 386 9.47 4.95 -13.29
N SER B 387 13.72 8.34 -16.17
CA SER B 387 14.14 9.71 -15.90
C SER B 387 14.18 10.53 -17.19
N GLN B 388 14.62 9.86 -18.26
CA GLN B 388 14.70 10.50 -19.53
C GLN B 388 13.28 10.86 -19.99
N GLN B 389 12.36 9.88 -19.96
CA GLN B 389 10.99 10.04 -20.49
C GLN B 389 10.14 10.95 -19.60
N VAL B 390 10.29 10.91 -18.26
CA VAL B 390 9.47 11.83 -17.47
C VAL B 390 9.96 13.27 -17.71
N ALA B 391 11.25 13.44 -18.05
CA ALA B 391 11.74 14.80 -18.33
C ALA B 391 11.10 15.30 -19.65
N VAL B 392 10.89 14.39 -20.61
CA VAL B 392 10.24 14.77 -21.88
C VAL B 392 8.84 15.29 -21.57
N GLU B 393 8.09 14.49 -20.82
CA GLU B 393 6.73 14.80 -20.45
C GLU B 393 6.64 16.11 -19.67
N LYS B 394 7.57 16.33 -18.73
CA LYS B 394 7.55 17.54 -17.92
C LYS B 394 7.90 18.78 -18.77
N LEU B 395 8.78 18.62 -19.75
CA LEU B 395 9.14 19.74 -20.67
C LEU B 395 7.95 20.08 -21.58
N VAL B 396 7.14 19.06 -21.90
CA VAL B 396 5.99 19.32 -22.75
C VAL B 396 4.99 20.17 -21.96
N VAL B 397 4.76 19.82 -20.68
CA VAL B 397 3.82 20.58 -19.87
C VAL B 397 4.42 21.99 -19.60
N ASP B 398 5.77 22.06 -19.52
CA ASP B 398 6.44 23.36 -19.40
C ASP B 398 6.16 24.20 -20.65
N ALA B 399 6.21 23.57 -21.83
CA ALA B 399 6.00 24.31 -23.06
C ALA B 399 4.58 24.86 -23.14
N TRP B 400 3.61 24.07 -22.69
CA TRP B 400 2.18 24.47 -22.73
C TRP B 400 1.92 25.65 -21.78
N GLU B 401 2.42 25.49 -20.55
CA GLU B 401 2.22 26.42 -19.43
C GLU B 401 2.93 27.77 -19.68
N GLN B 402 4.19 27.70 -20.15
CA GLN B 402 5.01 28.88 -20.39
C GLN B 402 4.93 29.31 -21.86
N ARG B 403 4.16 28.58 -22.67
CA ARG B 403 4.02 28.89 -24.11
C ARG B 403 5.41 29.09 -24.73
N SER B 404 6.32 28.16 -24.43
CA SER B 404 7.73 28.23 -24.83
C SER B 404 8.05 27.27 -25.97
N TYR B 405 8.76 27.78 -26.96
CA TYR B 405 9.20 27.04 -28.12
C TYR B 405 10.38 26.17 -27.73
N HIS B 406 11.34 26.77 -27.01
CA HIS B 406 12.55 26.05 -26.63
C HIS B 406 12.20 24.87 -25.73
N LYS B 407 11.22 25.06 -24.83
CA LYS B 407 10.89 23.96 -23.91
C LYS B 407 10.44 22.74 -24.73
N LEU B 408 9.66 22.97 -25.78
CA LEU B 408 9.13 21.86 -26.57
C LEU B 408 10.24 21.27 -27.45
N TRP B 409 11.16 22.11 -27.91
CA TRP B 409 12.29 21.61 -28.70
C TRP B 409 13.15 20.72 -27.80
N GLN B 410 13.24 21.13 -26.53
CA GLN B 410 14.00 20.39 -25.57
C GLN B 410 13.33 19.04 -25.35
N ALA B 411 12.00 19.06 -25.22
CA ALA B 411 11.31 17.81 -24.93
C ALA B 411 11.53 16.82 -26.08
N ILE B 412 11.30 17.28 -27.32
CA ILE B 412 11.42 16.39 -28.47
C ILE B 412 12.86 15.89 -28.58
N THR B 413 13.82 16.80 -28.33
CA THR B 413 15.23 16.43 -28.42
C THR B 413 15.59 15.31 -27.43
N LEU B 414 14.94 15.32 -26.26
CA LEU B 414 15.27 14.40 -25.19
C LEU B 414 14.71 13.01 -25.46
N SER B 415 13.67 12.93 -26.30
CA SER B 415 13.01 11.67 -26.58
C SER B 415 13.98 10.62 -27.12
N LYS B 416 13.81 9.39 -26.63
CA LYS B 416 14.66 8.30 -27.07
C LYS B 416 14.32 7.92 -28.51
N THR B 417 13.16 8.38 -29.00
CA THR B 417 12.70 8.08 -30.36
C THR B 417 13.37 9.01 -31.39
N VAL B 418 14.02 10.09 -30.91
CA VAL B 418 14.59 11.13 -31.78
C VAL B 418 16.11 11.06 -31.79
N PRO B 419 16.76 11.02 -32.98
CA PRO B 419 18.22 10.84 -33.06
C PRO B 419 19.09 12.07 -32.82
N SER B 420 18.52 13.29 -32.92
CA SER B 420 19.31 14.51 -32.74
C SER B 420 18.42 15.73 -32.55
N ALA B 421 19.04 16.81 -32.07
CA ALA B 421 18.39 18.08 -31.82
C ALA B 421 17.99 18.74 -33.15
N SER B 422 18.74 18.46 -34.22
CA SER B 422 18.39 19.06 -35.53
C SER B 422 17.12 18.41 -36.09
N VAL B 423 17.04 17.08 -35.98
CA VAL B 423 15.87 16.38 -36.47
C VAL B 423 14.69 16.80 -35.60
N ALA B 424 14.96 16.98 -34.30
CA ALA B 424 13.94 17.39 -33.37
C ALA B 424 13.33 18.73 -33.79
N LYS B 425 14.18 19.68 -34.20
CA LYS B 425 13.73 20.99 -34.58
C LYS B 425 12.91 20.92 -35.88
N ALA B 426 13.37 20.14 -36.85
CA ALA B 426 12.63 20.07 -38.12
C ALA B 426 11.23 19.47 -37.85
N ILE B 427 11.15 18.55 -36.89
CA ILE B 427 9.87 17.94 -36.59
C ILE B 427 8.98 18.95 -35.86
N LEU B 428 9.60 19.69 -34.94
CA LEU B 428 8.85 20.64 -34.14
C LEU B 428 8.17 21.68 -35.03
N ASP B 429 8.92 22.21 -36.01
CA ASP B 429 8.43 23.25 -36.91
C ASP B 429 7.25 22.73 -37.75
N ASP B 430 7.32 21.46 -38.20
CA ASP B 430 6.21 20.88 -38.97
C ASP B 430 4.98 20.70 -38.05
N LEU B 431 5.20 20.25 -36.81
CA LEU B 431 4.10 20.02 -35.89
C LEU B 431 3.38 21.34 -35.57
N ILE B 432 4.14 22.43 -35.38
CA ILE B 432 3.56 23.74 -35.07
C ILE B 432 2.60 24.15 -36.21
N ALA B 433 3.08 24.00 -37.45
CA ALA B 433 2.27 24.38 -38.63
C ALA B 433 0.94 23.62 -38.64
N ALA B 434 1.03 22.30 -38.43
CA ALA B 434 -0.15 21.43 -38.52
C ALA B 434 -1.14 21.67 -37.36
N ASN B 435 -0.62 21.97 -36.16
CA ASN B 435 -1.49 22.13 -34.97
C ASN B 435 -1.90 23.60 -34.74
N LYS B 436 -1.71 24.45 -35.75
CA LYS B 436 -2.05 25.87 -35.67
C LYS B 436 -3.37 26.12 -34.90
N ASP B 437 -4.41 25.33 -35.19
CA ASP B 437 -5.76 25.52 -34.57
C ASP B 437 -5.88 24.93 -33.15
N TYR B 438 -4.86 24.24 -32.62
CA TYR B 438 -5.08 23.57 -31.31
C TYR B 438 -4.03 23.95 -30.24
N TRP B 439 -2.84 24.35 -30.67
CA TRP B 439 -1.78 24.71 -29.71
C TRP B 439 -1.86 26.20 -29.43
N PRO B 440 -1.38 26.67 -28.27
CA PRO B 440 -1.23 28.09 -28.04
C PRO B 440 -0.01 28.46 -28.89
N GLU B 441 0.18 29.74 -29.20
CA GLU B 441 1.37 30.13 -29.95
C GLU B 441 2.57 29.99 -29.02
N LEU B 442 3.69 29.53 -29.57
CA LEU B 442 4.90 29.35 -28.79
C LEU B 442 5.86 30.51 -29.06
N HIS B 443 6.39 31.10 -27.99
CA HIS B 443 7.30 32.23 -28.07
C HIS B 443 8.73 31.76 -27.76
PA NAD C . 7.40 -13.11 30.83
O1A NAD C . 8.10 -11.90 31.40
O2A NAD C . 6.17 -13.67 31.52
O5B NAD C . 8.51 -14.25 30.67
C5B NAD C . 9.64 -14.03 29.82
C4B NAD C . 10.35 -15.35 29.51
O4B NAD C . 11.32 -15.14 28.48
C3B NAD C . 11.11 -15.92 30.71
O3B NAD C . 10.83 -17.32 30.90
C2B NAD C . 12.56 -15.77 30.34
O2B NAD C . 13.40 -16.78 30.92
C1B NAD C . 12.50 -15.88 28.82
N9A NAD C . 13.74 -15.38 28.17
C8A NAD C . 14.41 -14.26 28.51
N7A NAD C . 15.52 -14.11 27.75
C5A NAD C . 15.58 -15.14 26.91
C6A NAD C . 16.51 -15.57 25.83
N6A NAD C . 17.60 -14.82 25.54
N1A NAD C . 16.23 -16.73 25.18
C2A NAD C . 15.14 -17.46 25.48
N3A NAD C . 14.25 -17.11 26.45
C4A NAD C . 14.42 -15.99 27.19
O3 NAD C . 7.05 -12.87 29.27
PN NAD C . 5.95 -11.84 28.70
O1N NAD C . 5.12 -12.59 27.68
O2N NAD C . 5.27 -11.15 29.86
O5D NAD C . 6.87 -10.74 27.93
C5D NAD C . 7.70 -11.04 26.81
C4D NAD C . 7.81 -9.80 25.89
O4D NAD C . 6.63 -9.69 25.08
C3D NAD C . 7.92 -8.50 26.66
O3D NAD C . 8.84 -7.61 26.00
C2D NAD C . 6.53 -7.90 26.62
O2D NAD C . 6.58 -6.46 26.63
C1D NAD C . 5.91 -8.47 25.36
N1N NAD C . 4.47 -8.75 25.49
C2N NAD C . 3.99 -9.98 25.23
C3N NAD C . 2.64 -10.27 25.35
C7N NAD C . 2.14 -11.67 25.05
O7N NAD C . 2.88 -12.62 25.29
N7N NAD C . 0.93 -11.83 24.50
C4N NAD C . 1.75 -9.26 25.75
C5N NAD C . 2.26 -7.99 26.01
C6N NAD C . 3.63 -7.76 25.87
MN MN D . 4.39 -3.04 21.89
S SO4 E . -5.32 10.26 5.50
O1 SO4 E . -5.79 11.32 6.40
O2 SO4 E . -4.08 10.74 4.83
O3 SO4 E . -6.36 9.95 4.48
O4 SO4 E . -5.03 9.04 6.28
S SO4 F . 22.96 2.65 9.70
O1 SO4 F . 22.58 3.54 10.81
O2 SO4 F . 23.53 3.46 8.59
O3 SO4 F . 21.77 1.93 9.18
O4 SO4 F . 23.98 1.67 10.15
S SO4 G . 2.05 -4.96 31.63
O1 SO4 G . 2.37 -3.77 32.47
O2 SO4 G . 2.16 -4.57 30.21
O3 SO4 G . 3.00 -6.04 31.93
O4 SO4 G . 0.66 -5.40 31.91
S SO4 H . 2.37 20.81 7.85
O1 SO4 H . 2.84 20.67 9.25
O2 SO4 H . 2.73 22.16 7.33
O3 SO4 H . 3.03 19.79 6.99
O4 SO4 H . 0.89 20.62 7.79
S SO4 I . 2.02 3.78 34.27
S SO4 I . 3.57 1.75 33.78
O1 SO4 I . 3.48 3.59 34.45
O1 SO4 I . 4.80 1.70 34.60
O2 SO4 I . 1.73 5.22 34.10
O2 SO4 I . 3.35 3.14 33.34
O3 SO4 I . 1.57 3.02 33.07
O3 SO4 I . 3.69 0.83 32.61
O4 SO4 I . 1.29 3.26 35.44
O4 SO4 I . 2.39 1.32 34.59
MN MN J . -3.23 3.77 -22.41
CL CL K . 15.00 10.38 -10.24
CL CL L . 19.62 -4.72 -9.77
S SO4 M . -6.23 2.19 -31.69
O1 SO4 M . -6.91 3.47 -31.36
O2 SO4 M . -5.11 2.38 -32.65
O3 SO4 M . -7.23 1.29 -32.29
O4 SO4 M . -5.69 1.61 -30.45
S SO4 N . 9.19 -7.17 -6.29
O1 SO4 N . 9.26 -5.85 -5.61
O2 SO4 N . 10.50 -7.49 -6.90
O3 SO4 N . 8.15 -7.09 -7.34
O4 SO4 N . 8.82 -8.25 -5.33
S SO4 O . 20.86 -1.11 -8.96
O1 SO4 O . 22.23 -1.54 -8.56
O2 SO4 O . 20.66 0.27 -8.45
O3 SO4 O . 20.74 -1.17 -10.44
O4 SO4 O . 19.86 -2.01 -8.35
S SO4 P . -12.83 9.12 -30.76
O1 SO4 P . -13.58 10.08 -29.93
O2 SO4 P . -11.85 9.88 -31.58
O3 SO4 P . -13.75 8.39 -31.64
O4 SO4 P . -12.10 8.16 -29.90
S SO4 Q . -15.31 -17.78 -15.72
O1 SO4 Q . -14.19 -16.86 -16.01
O2 SO4 Q . -16.57 -17.02 -15.60
O3 SO4 Q . -15.42 -18.77 -16.83
O4 SO4 Q . -15.06 -18.51 -14.45
C1 PEG R . 0.22 2.54 -33.82
O1 PEG R . 0.70 3.60 -34.65
C2 PEG R . 0.77 1.22 -34.33
O2 PEG R . 2.19 1.28 -34.36
C3 PEG R . 2.73 -0.01 -34.60
C4 PEG R . 3.97 0.09 -35.47
O4 PEG R . 4.98 -0.85 -35.03
C1 GOL S . 6.00 22.32 -11.34
O1 GOL S . 6.77 21.35 -12.05
C2 GOL S . 5.15 21.62 -10.27
O2 GOL S . 6.01 20.97 -9.32
C3 GOL S . 4.23 22.63 -9.58
O3 GOL S . 3.04 21.98 -9.12
C1 PEG T . -10.06 -0.47 -37.25
O1 PEG T . -11.48 -0.38 -37.09
C2 PEG T . -9.64 -1.91 -37.54
O2 PEG T . -9.06 -2.50 -36.37
C3 PEG T . -8.11 -3.53 -36.66
C4 PEG T . -7.82 -4.33 -35.41
O4 PEG T . -6.63 -5.12 -35.58
#